data_4O24
#
_entry.id   4O24
#
_cell.length_a   48.183
_cell.length_b   113.534
_cell.length_c   81.563
_cell.angle_alpha   90.00
_cell.angle_beta   100.64
_cell.angle_gamma   90.00
#
_symmetry.space_group_name_H-M   'P 1 21 1'
#
loop_
_entity.id
_entity.type
_entity.pdbx_description
1 polymer 'Exonuclease, putative'
2 non-polymer (5~{Z})-5-[(4-hydroxyphenyl)methylidene]-3-(2-methylpropyl)-2-sulfanylidene-1,3-thiazolidin-4-one
3 non-polymer 'MANGANESE (II) ION'
4 water water
#
_entity_poly.entity_id   1
_entity_poly.type   'polypeptide(L)'
_entity_poly.pdbx_seq_one_letter_code
;GSDKIHHHHHHVINLKELKILHTSDWHLGVTSWTSSRPVDRREELKKALDKVVEEAEKREVDLILLTGDLLHSRNNPSVV
ALHDLLDYLKRMMRTAPVVVLPGNHDWKGLKLFGNFVTSISSDITFVMSFEPVDVEAKRGQKVRILPFPYPDESEALRKN
EGDFRFFLESRLNKLYEEALKKEDFAIFMGHFTVEGLAGYAGIEQGREIIINRALIPSVVDYAALGHIHSFREIQKQPLT
IYPGSLIRIDFGEEADEKGAVFVELKRGEPPRYERIDASPLPLKTLYYKKIDTSALKSIRDFCRNFPGYVRVVYEEDSGI
LPDLMGEIDNLVKIE
;
_entity_poly.pdbx_strand_id   A,B
#
# COMPACT_ATOMS: atom_id res chain seq x y z
N ILE A 5 -30.25 5.61 2.40
CA ILE A 5 -30.07 5.62 3.85
C ILE A 5 -28.70 5.05 4.24
N HIS A 6 -28.60 3.72 4.27
CA HIS A 6 -27.36 3.05 4.60
C HIS A 6 -26.46 2.94 3.38
N HIS A 7 -25.22 2.52 3.58
CA HIS A 7 -24.28 2.32 2.49
C HIS A 7 -23.56 0.98 2.61
N HIS A 8 -24.29 -0.04 3.05
CA HIS A 8 -23.75 -1.39 3.12
C HIS A 8 -24.50 -2.33 2.18
N HIS A 9 -24.09 -3.60 2.16
CA HIS A 9 -24.68 -4.57 1.26
C HIS A 9 -26.13 -4.88 1.62
N HIS A 10 -26.97 -5.06 0.61
CA HIS A 10 -28.34 -5.48 0.82
C HIS A 10 -28.38 -6.97 1.09
N HIS A 11 -29.52 -7.47 1.54
CA HIS A 11 -29.69 -8.89 1.81
C HIS A 11 -31.05 -9.38 1.37
N VAL A 12 -31.10 -9.96 0.17
CA VAL A 12 -32.35 -10.40 -0.42
C VAL A 12 -32.52 -11.91 -0.30
N ILE A 13 -33.67 -12.33 0.24
CA ILE A 13 -33.95 -13.76 0.41
C ILE A 13 -34.14 -14.45 -0.93
N ASN A 14 -33.60 -15.66 -1.05
CA ASN A 14 -33.77 -16.50 -2.24
C ASN A 14 -33.34 -15.83 -3.55
N LEU A 15 -32.38 -14.92 -3.45
CA LEU A 15 -31.88 -14.22 -4.63
C LEU A 15 -30.86 -15.07 -5.38
N LYS A 16 -31.22 -15.47 -6.60
CA LYS A 16 -30.37 -16.33 -7.41
C LYS A 16 -29.88 -15.59 -8.65
N GLU A 17 -29.68 -14.28 -8.52
CA GLU A 17 -29.20 -13.47 -9.63
C GLU A 17 -27.94 -12.72 -9.25
N LEU A 18 -27.08 -12.48 -10.23
CA LEU A 18 -25.82 -11.78 -10.00
C LEU A 18 -25.42 -10.95 -11.20
N LYS A 19 -25.39 -9.64 -11.02
CA LYS A 19 -24.95 -8.73 -12.08
C LYS A 19 -23.49 -8.38 -11.91
N ILE A 20 -22.70 -8.59 -12.96
CA ILE A 20 -21.26 -8.41 -12.90
C ILE A 20 -20.76 -7.40 -13.92
N LEU A 21 -19.85 -6.53 -13.50
CA LEU A 21 -19.09 -5.74 -14.45
C LEU A 21 -17.65 -6.24 -14.44
N HIS A 22 -17.09 -6.45 -15.63
CA HIS A 22 -15.74 -6.95 -15.76
C HIS A 22 -14.95 -6.05 -16.70
N THR A 23 -13.91 -5.43 -16.16
CA THR A 23 -13.03 -4.58 -16.97
C THR A 23 -11.59 -4.96 -16.67
N SER A 24 -10.70 -4.66 -17.61
CA SER A 24 -9.35 -5.19 -17.55
C SER A 24 -8.34 -4.33 -18.29
N ASP A 25 -7.06 -4.53 -17.95
CA ASP A 25 -5.95 -3.94 -18.68
C ASP A 25 -6.05 -2.44 -18.91
N TRP A 26 -6.24 -1.69 -17.82
CA TRP A 26 -6.38 -0.24 -17.90
C TRP A 26 -5.10 0.42 -18.40
N HIS A 27 -3.95 -0.11 -17.98
CA HIS A 27 -2.65 0.45 -18.35
C HIS A 27 -2.49 1.90 -17.93
N LEU A 28 -2.90 2.22 -16.71
CA LEU A 28 -2.78 3.58 -16.17
C LEU A 28 -1.33 4.05 -16.13
N GLY A 29 -1.08 5.25 -16.66
CA GLY A 29 0.24 5.84 -16.62
C GLY A 29 0.98 5.71 -17.94
N VAL A 30 0.33 5.10 -18.92
CA VAL A 30 0.98 4.83 -20.20
C VAL A 30 1.21 6.08 -21.06
N THR A 31 2.40 6.16 -21.65
CA THR A 31 2.67 7.15 -22.67
C THR A 31 3.05 6.41 -23.96
N SER A 32 2.32 6.69 -25.03
CA SER A 32 2.50 5.95 -26.28
C SER A 32 3.48 6.64 -27.24
N TRP A 33 4.17 5.84 -28.04
CA TRP A 33 5.03 6.33 -29.11
C TRP A 33 6.13 7.26 -28.62
N THR A 34 6.81 6.85 -27.56
CA THR A 34 7.85 7.67 -26.95
C THR A 34 9.09 7.79 -27.82
N SER A 35 9.15 7.03 -28.90
CA SER A 35 10.32 7.03 -29.77
C SER A 35 10.10 7.86 -31.04
N SER A 36 8.86 8.28 -31.25
CA SER A 36 8.53 9.08 -32.43
C SER A 36 7.84 10.39 -32.03
N ARG A 37 6.79 10.28 -31.22
CA ARG A 37 6.08 11.44 -30.71
C ARG A 37 5.24 11.07 -29.49
N PRO A 38 5.83 11.20 -28.29
CA PRO A 38 5.19 10.83 -27.02
C PRO A 38 3.82 11.45 -26.83
N VAL A 39 2.83 10.61 -26.51
CA VAL A 39 1.47 11.09 -26.27
C VAL A 39 0.95 10.54 -24.95
N ASP A 40 0.64 11.42 -24.01
CA ASP A 40 0.10 11.04 -22.71
C ASP A 40 -1.36 10.63 -22.87
N ARG A 41 -1.66 9.37 -22.58
CA ARG A 41 -3.00 8.84 -22.81
C ARG A 41 -3.91 9.00 -21.60
N ARG A 42 -3.41 9.69 -20.58
CA ARG A 42 -4.13 9.81 -19.31
C ARG A 42 -5.53 10.41 -19.44
N GLU A 43 -5.65 11.51 -20.17
CA GLU A 43 -6.95 12.17 -20.32
C GLU A 43 -7.94 11.28 -21.06
N GLU A 44 -7.48 10.63 -22.12
CA GLU A 44 -8.32 9.70 -22.87
C GLU A 44 -8.70 8.50 -22.00
N LEU A 45 -7.72 7.98 -21.28
CA LEU A 45 -7.94 6.80 -20.43
C LEU A 45 -8.90 7.08 -19.29
N LYS A 46 -8.75 8.24 -18.65
CA LYS A 46 -9.65 8.64 -17.57
C LYS A 46 -11.07 8.84 -18.07
N LYS A 47 -11.19 9.36 -19.29
CA LYS A 47 -12.49 9.57 -19.91
C LYS A 47 -13.22 8.25 -20.12
N ALA A 48 -12.49 7.22 -20.54
CA ALA A 48 -13.07 5.90 -20.75
C ALA A 48 -13.43 5.25 -19.41
N LEU A 49 -12.56 5.44 -18.42
CA LEU A 49 -12.78 4.89 -17.09
C LEU A 49 -14.04 5.45 -16.44
N ASP A 50 -14.27 6.75 -16.60
CA ASP A 50 -15.46 7.38 -16.07
C ASP A 50 -16.71 6.78 -16.69
N LYS A 51 -16.64 6.49 -17.98
CA LYS A 51 -17.74 5.89 -18.72
C LYS A 51 -18.07 4.49 -18.17
N VAL A 52 -17.03 3.74 -17.81
CA VAL A 52 -17.20 2.41 -17.25
C VAL A 52 -17.83 2.48 -15.86
N VAL A 53 -17.33 3.41 -15.04
CA VAL A 53 -17.84 3.61 -13.69
C VAL A 53 -19.33 3.99 -13.70
N GLU A 54 -19.70 4.91 -14.58
CA GLU A 54 -21.08 5.34 -14.70
C GLU A 54 -22.00 4.21 -15.16
N GLU A 55 -21.48 3.34 -16.02
CA GLU A 55 -22.25 2.19 -16.49
C GLU A 55 -22.45 1.16 -15.39
N ALA A 56 -21.54 1.14 -14.42
CA ALA A 56 -21.68 0.26 -13.26
C ALA A 56 -22.79 0.76 -12.36
N GLU A 57 -22.78 2.07 -12.09
CA GLU A 57 -23.76 2.69 -11.22
C GLU A 57 -25.16 2.68 -11.85
N LYS A 58 -25.22 2.82 -13.17
CA LYS A 58 -26.47 2.83 -13.88
C LYS A 58 -27.15 1.46 -13.87
N ARG A 59 -26.36 0.42 -14.12
CA ARG A 59 -26.88 -0.94 -14.14
C ARG A 59 -27.01 -1.53 -12.74
N GLU A 60 -26.47 -0.81 -11.76
CA GLU A 60 -26.45 -1.26 -10.37
C GLU A 60 -25.89 -2.67 -10.23
N VAL A 61 -24.71 -2.89 -10.78
CA VAL A 61 -24.04 -4.20 -10.73
C VAL A 61 -23.84 -4.67 -9.29
N ASP A 62 -23.76 -5.98 -9.10
CA ASP A 62 -23.62 -6.55 -7.77
C ASP A 62 -22.16 -6.81 -7.41
N LEU A 63 -21.30 -6.86 -8.43
CA LEU A 63 -19.91 -7.24 -8.24
C LEU A 63 -19.05 -6.69 -9.36
N ILE A 64 -17.81 -6.33 -9.02
CA ILE A 64 -16.89 -5.77 -10.00
C ILE A 64 -15.60 -6.59 -10.05
N LEU A 65 -15.21 -7.02 -11.24
CA LEU A 65 -14.01 -7.84 -11.41
C LEU A 65 -12.94 -7.09 -12.18
N LEU A 66 -11.73 -7.06 -11.61
CA LEU A 66 -10.61 -6.37 -12.25
C LEU A 66 -9.47 -7.34 -12.51
N THR A 67 -9.02 -7.38 -13.76
CA THR A 67 -7.93 -8.26 -14.15
C THR A 67 -6.95 -7.55 -15.08
N GLY A 68 -5.84 -8.20 -15.38
CA GLY A 68 -4.86 -7.66 -16.30
C GLY A 68 -4.00 -6.56 -15.69
N ASP A 69 -3.35 -5.78 -16.56
CA ASP A 69 -2.45 -4.73 -16.11
C ASP A 69 -3.18 -3.41 -15.93
N LEU A 70 -3.66 -3.15 -14.72
CA LEU A 70 -4.29 -1.88 -14.41
C LEU A 70 -3.24 -0.77 -14.46
N LEU A 71 -2.00 -1.13 -14.15
CA LEU A 71 -0.88 -0.21 -14.26
C LEU A 71 0.01 -0.59 -15.44
N HIS A 72 0.44 0.41 -16.21
CA HIS A 72 1.28 0.15 -17.37
C HIS A 72 2.68 -0.31 -16.97
N SER A 73 3.28 0.42 -16.03
CA SER A 73 4.59 0.07 -15.53
C SER A 73 4.47 -0.97 -14.43
N ARG A 74 5.13 -2.11 -14.62
CA ARG A 74 5.03 -3.21 -13.67
C ARG A 74 5.93 -2.99 -12.45
N ASN A 75 7.08 -2.37 -12.66
CA ASN A 75 8.07 -2.23 -11.59
C ASN A 75 8.33 -0.79 -11.13
N ASN A 76 7.76 0.18 -11.84
CA ASN A 76 7.96 1.57 -11.47
C ASN A 76 6.83 2.52 -11.91
N PRO A 77 5.64 2.36 -11.31
CA PRO A 77 4.53 3.24 -11.64
C PRO A 77 4.73 4.63 -11.06
N SER A 78 4.33 5.66 -11.80
CA SER A 78 4.47 7.03 -11.33
C SER A 78 3.47 7.31 -10.22
N VAL A 79 3.65 8.44 -9.53
CA VAL A 79 2.75 8.84 -8.47
C VAL A 79 1.36 9.11 -9.03
N VAL A 80 1.31 9.71 -10.20
CA VAL A 80 0.04 10.06 -10.83
C VAL A 80 -0.75 8.81 -11.22
N ALA A 81 -0.06 7.82 -11.78
CA ALA A 81 -0.68 6.56 -12.16
C ALA A 81 -1.24 5.85 -10.93
N LEU A 82 -0.45 5.78 -9.88
CA LEU A 82 -0.86 5.16 -8.63
C LEU A 82 -2.07 5.89 -8.05
N HIS A 83 -2.07 7.21 -8.12
CA HIS A 83 -3.17 8.01 -7.61
C HIS A 83 -4.46 7.74 -8.35
N ASP A 84 -4.37 7.67 -9.67
CA ASP A 84 -5.55 7.35 -10.48
C ASP A 84 -6.08 5.96 -10.19
N LEU A 85 -5.17 5.00 -10.01
CA LEU A 85 -5.56 3.62 -9.69
C LEU A 85 -6.36 3.56 -8.40
N LEU A 86 -5.80 4.12 -7.33
CA LEU A 86 -6.46 4.14 -6.03
C LEU A 86 -7.77 4.90 -6.07
N ASP A 87 -7.80 5.98 -6.85
CA ASP A 87 -9.00 6.79 -7.00
C ASP A 87 -10.13 5.99 -7.64
N TYR A 88 -9.86 5.41 -8.81
CA TYR A 88 -10.87 4.62 -9.49
C TYR A 88 -11.22 3.35 -8.72
N LEU A 89 -10.25 2.83 -7.96
CA LEU A 89 -10.52 1.70 -7.08
C LEU A 89 -11.58 2.08 -6.05
N LYS A 90 -11.44 3.28 -5.48
CA LYS A 90 -12.42 3.79 -4.52
C LYS A 90 -13.78 4.03 -5.15
N ARG A 91 -13.78 4.45 -6.42
CA ARG A 91 -15.02 4.73 -7.13
C ARG A 91 -15.81 3.45 -7.39
N MET A 92 -15.10 2.37 -7.70
CA MET A 92 -15.74 1.07 -7.92
C MET A 92 -16.37 0.59 -6.62
N MET A 93 -15.63 0.74 -5.52
CA MET A 93 -16.06 0.24 -4.21
C MET A 93 -17.34 0.90 -3.70
N ARG A 94 -17.57 2.16 -4.09
CA ARG A 94 -18.79 2.85 -3.73
C ARG A 94 -19.98 2.22 -4.44
N THR A 95 -19.75 1.78 -5.68
CA THR A 95 -20.80 1.17 -6.48
C THR A 95 -21.11 -0.25 -6.01
N ALA A 96 -20.11 -1.12 -6.07
CA ALA A 96 -20.29 -2.53 -5.72
C ALA A 96 -18.98 -3.10 -5.19
N PRO A 97 -19.04 -4.23 -4.46
CA PRO A 97 -17.82 -4.91 -4.01
C PRO A 97 -16.89 -5.23 -5.17
N VAL A 98 -15.59 -5.17 -4.91
CA VAL A 98 -14.59 -5.32 -5.97
C VAL A 98 -13.68 -6.51 -5.71
N VAL A 99 -13.40 -7.28 -6.75
CA VAL A 99 -12.43 -8.36 -6.66
C VAL A 99 -11.32 -8.12 -7.68
N VAL A 100 -10.08 -8.06 -7.18
CA VAL A 100 -8.96 -7.73 -8.04
C VAL A 100 -7.98 -8.89 -8.17
N LEU A 101 -7.69 -9.27 -9.42
CA LEU A 101 -6.64 -10.23 -9.70
C LEU A 101 -5.51 -9.49 -10.39
N PRO A 102 -4.47 -9.13 -9.63
CA PRO A 102 -3.38 -8.32 -10.15
C PRO A 102 -2.40 -9.12 -10.99
N GLY A 103 -1.89 -8.51 -12.06
CA GLY A 103 -0.82 -9.12 -12.84
C GLY A 103 0.44 -9.09 -12.01
N ASN A 104 1.34 -10.05 -12.25
CA ASN A 104 2.56 -10.18 -11.46
C ASN A 104 3.43 -8.92 -11.49
N HIS A 105 3.56 -8.29 -10.32
CA HIS A 105 4.43 -7.12 -10.20
C HIS A 105 5.76 -7.50 -9.59
N ASP A 106 6.79 -6.70 -9.88
CA ASP A 106 8.13 -6.97 -9.41
C ASP A 106 8.26 -6.74 -7.91
N TRP A 107 7.52 -5.76 -7.40
CA TRP A 107 7.57 -5.42 -5.98
C TRP A 107 6.98 -6.53 -5.11
N LYS A 108 7.56 -6.71 -3.93
CA LYS A 108 7.17 -7.79 -3.04
C LYS A 108 6.25 -7.29 -1.93
N GLY A 109 6.13 -5.97 -1.82
CA GLY A 109 5.28 -5.37 -0.80
C GLY A 109 3.82 -5.32 -1.20
N LEU A 110 3.56 -5.51 -2.50
CA LEU A 110 2.20 -5.48 -3.01
C LEU A 110 1.32 -6.55 -2.38
N LYS A 111 1.92 -7.73 -2.16
CA LYS A 111 1.23 -8.84 -1.52
C LYS A 111 0.76 -8.46 -0.12
N LEU A 112 1.64 -7.79 0.62
CA LEU A 112 1.33 -7.36 1.98
C LEU A 112 0.20 -6.33 2.01
N PHE A 113 0.31 -5.31 1.17
CA PHE A 113 -0.70 -4.26 1.12
C PHE A 113 -2.05 -4.77 0.63
N GLY A 114 -2.01 -5.67 -0.36
CA GLY A 114 -3.22 -6.27 -0.89
C GLY A 114 -3.96 -7.05 0.18
N ASN A 115 -3.22 -7.88 0.90
CA ASN A 115 -3.80 -8.66 2.00
C ASN A 115 -4.28 -7.78 3.14
N PHE A 116 -3.55 -6.69 3.40
CA PHE A 116 -3.93 -5.75 4.46
C PHE A 116 -5.23 -5.03 4.11
N VAL A 117 -5.27 -4.48 2.90
CA VAL A 117 -6.46 -3.79 2.40
C VAL A 117 -7.67 -4.72 2.38
N THR A 118 -7.45 -5.97 1.96
CA THR A 118 -8.51 -6.98 1.94
C THR A 118 -9.02 -7.29 3.35
N SER A 119 -8.10 -7.32 4.31
CA SER A 119 -8.45 -7.68 5.68
C SER A 119 -9.25 -6.60 6.40
N ILE A 120 -9.11 -5.35 5.96
CA ILE A 120 -9.73 -4.23 6.66
C ILE A 120 -10.98 -3.71 5.97
N SER A 121 -11.27 -4.23 4.78
CA SER A 121 -12.44 -3.80 4.02
C SER A 121 -13.28 -4.99 3.56
N SER A 122 -14.58 -4.79 3.49
CA SER A 122 -15.50 -5.83 3.02
C SER A 122 -16.08 -5.46 1.67
N ASP A 123 -15.44 -4.52 0.98
CA ASP A 123 -15.90 -4.08 -0.33
C ASP A 123 -14.78 -4.14 -1.37
N ILE A 124 -13.64 -4.69 -0.98
CA ILE A 124 -12.59 -4.99 -1.94
C ILE A 124 -11.78 -6.21 -1.51
N THR A 125 -11.48 -7.07 -2.48
CA THR A 125 -10.75 -8.31 -2.21
C THR A 125 -9.63 -8.48 -3.23
N PHE A 126 -8.42 -8.68 -2.74
CA PHE A 126 -7.28 -8.96 -3.61
C PHE A 126 -6.92 -10.45 -3.61
N VAL A 127 -7.07 -11.09 -4.76
CA VAL A 127 -6.66 -12.48 -4.91
C VAL A 127 -5.26 -12.59 -5.53
N MET A 128 -4.29 -12.98 -4.70
CA MET A 128 -2.90 -13.01 -5.14
C MET A 128 -2.26 -14.37 -4.89
N SER A 129 -3.08 -15.40 -4.85
CA SER A 129 -2.61 -16.78 -4.74
C SER A 129 -3.58 -17.69 -5.45
N PHE A 130 -3.37 -19.00 -5.35
CA PHE A 130 -4.26 -19.96 -5.98
C PHE A 130 -5.42 -20.34 -5.07
N GLU A 131 -5.36 -19.89 -3.83
CA GLU A 131 -6.40 -20.20 -2.85
C GLU A 131 -7.72 -19.56 -3.24
N PRO A 132 -8.82 -20.33 -3.16
CA PRO A 132 -10.14 -19.77 -3.42
C PRO A 132 -10.62 -18.91 -2.25
N VAL A 133 -11.40 -17.87 -2.54
CA VAL A 133 -11.96 -17.05 -1.49
C VAL A 133 -13.44 -16.78 -1.72
N ASP A 134 -14.22 -16.88 -0.64
CA ASP A 134 -15.63 -16.55 -0.71
C ASP A 134 -15.81 -15.05 -0.46
N VAL A 135 -16.56 -14.39 -1.34
CA VAL A 135 -16.85 -12.98 -1.17
C VAL A 135 -18.35 -12.73 -1.19
N GLU A 136 -18.77 -11.59 -0.66
CA GLU A 136 -20.18 -11.23 -0.61
C GLU A 136 -20.47 -10.13 -1.62
N ALA A 137 -21.50 -10.33 -2.43
CA ALA A 137 -21.86 -9.35 -3.46
C ALA A 137 -22.76 -8.26 -2.88
N LYS A 138 -23.09 -7.28 -3.72
CA LYS A 138 -23.82 -6.09 -3.30
C LYS A 138 -25.18 -6.39 -2.66
N ARG A 139 -25.85 -7.41 -3.16
CA ARG A 139 -27.17 -7.76 -2.64
C ARG A 139 -27.14 -9.02 -1.76
N GLY A 140 -25.95 -9.40 -1.32
CA GLY A 140 -25.81 -10.50 -0.38
C GLY A 140 -25.58 -11.87 -1.00
N GLN A 141 -25.33 -11.89 -2.31
CA GLN A 141 -25.07 -13.15 -2.99
C GLN A 141 -23.69 -13.71 -2.61
N LYS A 142 -23.65 -15.00 -2.29
CA LYS A 142 -22.39 -15.66 -1.99
C LYS A 142 -21.67 -16.03 -3.27
N VAL A 143 -20.44 -15.54 -3.42
CA VAL A 143 -19.67 -15.76 -4.64
C VAL A 143 -18.30 -16.35 -4.32
N ARG A 144 -18.03 -17.52 -4.87
CA ARG A 144 -16.73 -18.17 -4.69
C ARG A 144 -15.78 -17.86 -5.84
N ILE A 145 -14.66 -17.25 -5.52
CA ILE A 145 -13.68 -16.86 -6.53
C ILE A 145 -12.58 -17.92 -6.66
N LEU A 146 -12.37 -18.39 -7.89
CA LEU A 146 -11.32 -19.36 -8.17
C LEU A 146 -10.21 -18.67 -8.95
N PRO A 147 -9.20 -18.15 -8.24
CA PRO A 147 -8.16 -17.32 -8.87
C PRO A 147 -7.04 -18.14 -9.49
N PHE A 148 -6.63 -17.74 -10.69
CA PHE A 148 -5.47 -18.34 -11.33
C PHE A 148 -4.48 -17.25 -11.72
N PRO A 149 -3.69 -16.77 -10.74
CA PRO A 149 -2.72 -15.71 -10.98
C PRO A 149 -1.53 -16.24 -11.75
N TYR A 150 -0.64 -15.34 -12.15
CA TYR A 150 0.61 -15.72 -12.79
C TYR A 150 1.46 -16.53 -11.82
N PRO A 151 1.94 -17.69 -12.26
CA PRO A 151 2.74 -18.60 -11.43
C PRO A 151 4.07 -18.00 -11.01
N ASP A 152 4.72 -18.60 -10.02
CA ASP A 152 5.97 -18.06 -9.52
C ASP A 152 7.07 -19.10 -9.26
N GLU A 153 8.07 -19.09 -10.12
CA GLU A 153 9.32 -19.84 -9.92
C GLU A 153 9.20 -21.29 -9.45
N SER A 154 8.64 -22.23 -10.21
CA SER A 154 7.98 -22.08 -11.53
C SER A 154 8.70 -21.33 -12.67
N GLU A 155 8.00 -20.38 -13.30
CA GLU A 155 8.47 -19.67 -14.51
C GLU A 155 9.98 -19.44 -14.63
N ALA A 156 10.63 -19.17 -13.51
CA ALA A 156 12.08 -19.09 -13.47
C ALA A 156 12.60 -20.09 -12.44
N LEU A 157 13.35 -21.09 -12.91
CA LEU A 157 13.75 -21.19 -14.31
C LEU A 157 12.93 -22.20 -15.13
N ARG A 158 11.61 -22.20 -14.90
CA ARG A 158 10.67 -23.02 -15.69
C ARG A 158 11.00 -24.52 -15.76
N LYS A 159 11.83 -25.00 -14.85
CA LYS A 159 12.27 -26.40 -14.89
C LYS A 159 11.21 -27.38 -14.40
N ASN A 160 10.78 -28.30 -15.27
CA ASN A 160 11.25 -28.38 -16.65
C ASN A 160 10.21 -29.02 -17.57
N GLU A 161 10.12 -28.51 -18.80
CA GLU A 161 9.30 -29.12 -19.85
C GLU A 161 7.83 -29.29 -19.48
N GLY A 162 7.38 -30.54 -19.46
CA GLY A 162 5.99 -30.85 -19.20
C GLY A 162 5.64 -30.93 -17.72
N ASP A 163 6.66 -30.90 -16.87
CA ASP A 163 6.45 -30.88 -15.42
C ASP A 163 5.73 -29.60 -15.02
N PHE A 164 6.03 -28.51 -15.72
CA PHE A 164 5.38 -27.24 -15.48
C PHE A 164 3.93 -27.29 -15.95
N ARG A 165 3.69 -27.98 -17.06
CA ARG A 165 2.34 -28.16 -17.58
C ARG A 165 1.49 -29.00 -16.63
N PHE A 166 2.10 -30.01 -16.03
CA PHE A 166 1.39 -30.85 -15.07
C PHE A 166 1.08 -30.07 -13.80
N PHE A 167 1.96 -29.12 -13.47
CA PHE A 167 1.72 -28.24 -12.33
C PHE A 167 0.51 -27.36 -12.58
N LEU A 168 0.47 -26.72 -13.75
CA LEU A 168 -0.66 -25.87 -14.13
C LEU A 168 -1.96 -26.64 -14.15
N GLU A 169 -1.91 -27.83 -14.73
CA GLU A 169 -3.08 -28.71 -14.85
C GLU A 169 -3.58 -29.12 -13.46
N SER A 170 -2.66 -29.48 -12.58
CA SER A 170 -3.00 -29.88 -11.23
CA SER A 170 -3.00 -29.89 -11.23
C SER A 170 -3.71 -28.76 -10.48
N ARG A 171 -3.20 -27.54 -10.63
CA ARG A 171 -3.79 -26.37 -10.01
C ARG A 171 -5.21 -26.14 -10.52
N LEU A 172 -5.39 -26.32 -11.82
CA LEU A 172 -6.70 -26.14 -12.45
C LEU A 172 -7.70 -27.19 -11.97
N ASN A 173 -7.21 -28.42 -11.76
CA ASN A 173 -8.05 -29.48 -11.22
C ASN A 173 -8.46 -29.18 -9.79
N LYS A 174 -7.54 -28.60 -9.03
CA LYS A 174 -7.81 -28.19 -7.66
C LYS A 174 -8.91 -27.14 -7.62
N LEU A 175 -8.82 -26.16 -8.52
CA LEU A 175 -9.83 -25.11 -8.62
C LEU A 175 -11.18 -25.68 -9.00
N TYR A 176 -11.16 -26.72 -9.85
CA TYR A 176 -12.38 -27.40 -10.27
C TYR A 176 -13.09 -28.02 -9.07
N GLU A 177 -12.34 -28.74 -8.25
CA GLU A 177 -12.91 -29.41 -7.08
C GLU A 177 -13.46 -28.41 -6.08
N GLU A 178 -12.77 -27.28 -5.94
CA GLU A 178 -13.21 -26.23 -5.04
C GLU A 178 -14.43 -25.49 -5.60
N ALA A 179 -14.52 -25.43 -6.93
CA ALA A 179 -15.65 -24.80 -7.59
C ALA A 179 -16.93 -25.61 -7.36
N LEU A 180 -16.77 -26.92 -7.17
CA LEU A 180 -17.90 -27.81 -6.91
C LEU A 180 -18.47 -27.55 -5.52
N LYS A 181 -17.67 -26.96 -4.65
CA LYS A 181 -18.09 -26.67 -3.28
C LYS A 181 -18.70 -25.28 -3.16
N LYS A 182 -19.12 -24.73 -4.30
CA LYS A 182 -19.71 -23.39 -4.31
C LYS A 182 -21.06 -23.37 -3.59
N GLU A 183 -21.40 -22.23 -3.01
CA GLU A 183 -22.66 -22.06 -2.30
C GLU A 183 -23.74 -21.57 -3.25
N ASP A 184 -23.45 -20.48 -3.96
CA ASP A 184 -24.37 -19.93 -4.94
C ASP A 184 -23.69 -19.82 -6.30
N PHE A 185 -22.90 -18.78 -6.48
CA PHE A 185 -22.17 -18.57 -7.72
C PHE A 185 -20.68 -18.86 -7.56
N ALA A 186 -20.03 -19.19 -8.67
CA ALA A 186 -18.60 -19.43 -8.68
C ALA A 186 -17.99 -18.73 -9.88
N ILE A 187 -16.90 -18.01 -9.66
CA ILE A 187 -16.26 -17.23 -10.72
C ILE A 187 -14.78 -17.53 -10.83
N PHE A 188 -14.35 -17.82 -12.05
CA PHE A 188 -12.94 -18.08 -12.33
C PHE A 188 -12.25 -16.80 -12.77
N MET A 189 -11.09 -16.53 -12.20
CA MET A 189 -10.29 -15.38 -12.59
C MET A 189 -8.88 -15.83 -12.95
N GLY A 190 -8.44 -15.51 -14.17
CA GLY A 190 -7.16 -15.95 -14.64
C GLY A 190 -6.37 -14.88 -15.38
N HIS A 191 -5.05 -14.95 -15.24
CA HIS A 191 -4.16 -13.99 -15.87
C HIS A 191 -3.18 -14.75 -16.76
N PHE A 192 -3.67 -15.20 -17.91
CA PHE A 192 -2.86 -16.00 -18.83
C PHE A 192 -3.36 -15.88 -20.27
N THR A 193 -2.60 -16.47 -21.19
CA THR A 193 -2.97 -16.45 -22.60
C THR A 193 -3.57 -17.79 -23.02
N VAL A 194 -4.82 -17.75 -23.48
CA VAL A 194 -5.51 -18.96 -23.92
C VAL A 194 -4.91 -19.52 -25.21
N GLU A 195 -4.64 -20.82 -25.21
CA GLU A 195 -4.12 -21.50 -26.39
C GLU A 195 -5.05 -21.35 -27.57
N GLY A 196 -4.48 -21.14 -28.75
CA GLY A 196 -5.28 -21.02 -29.96
C GLY A 196 -5.79 -19.61 -30.18
N LEU A 197 -4.96 -18.63 -29.82
CA LEU A 197 -5.31 -17.23 -30.00
C LEU A 197 -5.52 -16.92 -31.48
N ALA A 198 -6.76 -16.62 -31.84
CA ALA A 198 -7.12 -16.34 -33.22
C ALA A 198 -7.70 -14.94 -33.40
N GLY A 199 -6.83 -13.96 -33.65
CA GLY A 199 -5.41 -14.22 -33.76
C GLY A 199 -4.58 -13.04 -33.27
N TYR A 200 -5.20 -11.87 -33.22
CA TYR A 200 -4.52 -10.65 -32.80
C TYR A 200 -4.10 -10.70 -31.33
N ALA A 201 -2.80 -10.61 -31.09
CA ALA A 201 -1.81 -10.49 -32.15
C ALA A 201 -0.67 -11.47 -31.94
N GLY A 202 -0.51 -11.90 -30.69
CA GLY A 202 0.54 -12.84 -30.33
C GLY A 202 1.67 -12.13 -29.61
N ILE A 203 1.57 -10.80 -29.52
CA ILE A 203 2.59 -10.02 -28.84
C ILE A 203 1.97 -8.75 -28.25
N GLU A 204 2.13 -8.51 -26.95
CA GLU A 204 2.83 -9.38 -25.98
C GLU A 204 4.38 -9.67 -26.17
N GLN A 205 4.96 -10.88 -26.35
CA GLN A 205 4.38 -12.23 -26.42
C GLN A 205 4.20 -12.95 -25.07
N GLY A 206 5.22 -13.04 -24.21
CA GLY A 206 6.61 -12.67 -24.46
C GLY A 206 7.45 -13.76 -23.83
N ARG A 207 6.90 -14.35 -22.79
CA ARG A 207 7.43 -15.52 -22.11
C ARG A 207 6.25 -16.04 -21.30
N GLU A 208 5.21 -16.44 -22.02
CA GLU A 208 3.86 -16.50 -21.46
C GLU A 208 3.40 -17.86 -20.93
N ILE A 209 2.28 -17.81 -20.20
CA ILE A 209 1.61 -19.01 -19.71
C ILE A 209 0.48 -19.39 -20.65
N ILE A 210 0.65 -20.47 -21.40
CA ILE A 210 -0.36 -20.91 -22.36
C ILE A 210 -1.22 -22.02 -21.75
N ILE A 211 -2.53 -21.81 -21.80
CA ILE A 211 -3.49 -22.78 -21.25
C ILE A 211 -4.68 -22.98 -22.18
N ASN A 212 -4.97 -24.25 -22.48
CA ASN A 212 -6.13 -24.58 -23.31
C ASN A 212 -7.43 -24.24 -22.59
N ARG A 213 -8.43 -23.80 -23.34
CA ARG A 213 -9.70 -23.36 -22.77
C ARG A 213 -10.46 -24.49 -22.08
N ALA A 214 -10.18 -25.73 -22.48
CA ALA A 214 -10.85 -26.88 -21.90
C ALA A 214 -10.38 -27.14 -20.46
N LEU A 215 -9.17 -26.69 -20.15
CA LEU A 215 -8.61 -26.86 -18.81
C LEU A 215 -9.24 -25.92 -17.79
N ILE A 216 -9.96 -24.91 -18.28
CA ILE A 216 -10.69 -24.00 -17.40
C ILE A 216 -11.94 -24.69 -16.87
N PRO A 217 -12.08 -24.72 -15.53
CA PRO A 217 -13.19 -25.40 -14.83
C PRO A 217 -14.55 -25.09 -15.43
N SER A 218 -15.24 -26.11 -15.90
CA SER A 218 -16.52 -25.92 -16.60
C SER A 218 -17.68 -25.65 -15.65
N VAL A 219 -17.47 -25.94 -14.37
CA VAL A 219 -18.52 -25.78 -13.37
C VAL A 219 -18.62 -24.37 -12.79
N VAL A 220 -17.82 -23.45 -13.32
CA VAL A 220 -17.92 -22.05 -12.90
C VAL A 220 -18.96 -21.32 -13.74
N ASP A 221 -19.60 -20.32 -13.17
CA ASP A 221 -20.65 -19.58 -13.87
C ASP A 221 -20.07 -18.56 -14.84
N TYR A 222 -18.80 -18.20 -14.62
CA TYR A 222 -18.15 -17.20 -15.46
C TYR A 222 -16.64 -17.24 -15.28
N ALA A 223 -15.90 -17.12 -16.39
CA ALA A 223 -14.45 -17.11 -16.34
C ALA A 223 -13.91 -15.74 -16.74
N ALA A 224 -13.42 -14.99 -15.76
CA ALA A 224 -12.93 -13.64 -15.98
C ALA A 224 -11.43 -13.64 -16.27
N LEU A 225 -11.07 -13.37 -17.52
CA LEU A 225 -9.68 -13.39 -17.92
C LEU A 225 -9.14 -11.99 -18.19
N GLY A 226 -7.81 -11.87 -18.19
CA GLY A 226 -7.18 -10.58 -18.42
C GLY A 226 -5.85 -10.75 -19.10
N HIS A 227 -5.17 -9.62 -19.31
CA HIS A 227 -3.83 -9.53 -19.92
C HIS A 227 -3.85 -9.35 -21.45
N ILE A 228 -4.96 -9.67 -22.09
CA ILE A 228 -5.08 -9.48 -23.54
C ILE A 228 -5.74 -8.15 -23.88
N HIS A 229 -5.10 -7.37 -24.73
CA HIS A 229 -5.57 -6.02 -25.07
C HIS A 229 -6.89 -6.02 -25.84
N SER A 230 -7.16 -7.09 -26.56
CA SER A 230 -8.36 -7.16 -27.41
C SER A 230 -9.47 -7.95 -26.75
N PHE A 231 -10.71 -7.50 -26.95
CA PHE A 231 -11.87 -8.23 -26.48
C PHE A 231 -11.95 -9.60 -27.14
N ARG A 232 -12.23 -10.64 -26.35
CA ARG A 232 -12.34 -12.00 -26.88
C ARG A 232 -13.41 -12.80 -26.13
N GLU A 233 -14.37 -13.32 -26.88
CA GLU A 233 -15.30 -14.30 -26.32
C GLU A 233 -14.74 -15.69 -26.59
N ILE A 234 -13.95 -16.19 -25.65
CA ILE A 234 -13.25 -17.47 -25.82
C ILE A 234 -14.21 -18.64 -26.01
N GLN A 235 -15.23 -18.71 -25.15
CA GLN A 235 -16.24 -19.76 -25.25
C GLN A 235 -17.51 -19.35 -24.51
N LYS A 236 -18.55 -20.15 -24.66
CA LYS A 236 -19.84 -19.83 -24.07
C LYS A 236 -20.16 -20.72 -22.88
N GLN A 237 -19.45 -21.84 -22.77
CA GLN A 237 -19.65 -22.75 -21.65
C GLN A 237 -18.32 -23.38 -21.21
N PRO A 238 -17.75 -22.86 -20.10
CA PRO A 238 -18.28 -21.72 -19.34
C PRO A 238 -17.95 -20.40 -20.03
N LEU A 239 -18.83 -19.42 -19.92
CA LEU A 239 -18.62 -18.12 -20.53
C LEU A 239 -17.27 -17.56 -20.13
N THR A 240 -16.38 -17.42 -21.11
CA THR A 240 -15.01 -17.00 -20.88
C THR A 240 -14.67 -15.79 -21.73
N ILE A 241 -14.33 -14.68 -21.08
CA ILE A 241 -14.17 -13.40 -21.78
C ILE A 241 -12.93 -12.61 -21.37
N TYR A 242 -12.13 -12.20 -22.37
CA TYR A 242 -11.18 -11.12 -22.18
C TYR A 242 -11.89 -9.82 -22.53
N PRO A 243 -12.00 -8.89 -21.57
CA PRO A 243 -12.69 -7.63 -21.85
C PRO A 243 -11.89 -6.75 -22.81
N GLY A 244 -10.57 -6.88 -22.76
CA GLY A 244 -9.70 -6.02 -23.54
C GLY A 244 -9.39 -4.73 -22.81
N SER A 245 -8.49 -3.92 -23.35
CA SER A 245 -8.13 -2.64 -22.75
C SER A 245 -9.22 -1.61 -23.01
N LEU A 246 -9.08 -0.44 -22.40
CA LEU A 246 -10.09 0.61 -22.55
C LEU A 246 -9.70 1.65 -23.60
N ILE A 247 -8.43 1.61 -24.00
CA ILE A 247 -7.95 2.49 -25.07
C ILE A 247 -7.16 1.67 -26.08
N ARG A 248 -6.96 2.24 -27.27
CA ARG A 248 -6.11 1.62 -28.28
C ARG A 248 -4.66 2.02 -28.03
N ILE A 249 -3.92 1.12 -27.39
CA ILE A 249 -2.56 1.42 -26.93
C ILE A 249 -1.58 1.62 -28.07
N ASP A 250 -1.64 0.74 -29.07
CA ASP A 250 -0.77 0.87 -30.24
C ASP A 250 -1.54 0.50 -31.50
N PHE A 251 -0.90 0.70 -32.65
CA PHE A 251 -1.59 0.59 -33.95
C PHE A 251 -1.96 -0.85 -34.35
N GLY A 252 -1.58 -1.81 -33.52
CA GLY A 252 -2.00 -3.19 -33.74
C GLY A 252 -3.43 -3.37 -33.29
N GLU A 253 -3.94 -2.40 -32.55
CA GLU A 253 -5.29 -2.44 -32.01
C GLU A 253 -6.19 -1.47 -32.77
N GLU A 254 -5.86 -1.23 -34.04
CA GLU A 254 -6.60 -0.29 -34.87
C GLU A 254 -8.02 -0.77 -35.17
N ALA A 255 -8.17 -2.06 -35.41
CA ALA A 255 -9.48 -2.62 -35.75
C ALA A 255 -10.19 -3.15 -34.51
N ASP A 256 -9.55 -3.00 -33.36
CA ASP A 256 -10.12 -3.42 -32.08
C ASP A 256 -11.30 -2.55 -31.68
N GLU A 257 -12.18 -3.11 -30.86
CA GLU A 257 -13.22 -2.35 -30.20
C GLU A 257 -13.00 -2.46 -28.71
N LYS A 258 -12.82 -1.32 -28.05
CA LYS A 258 -12.40 -1.30 -26.65
C LYS A 258 -13.55 -1.06 -25.69
N GLY A 259 -13.52 -1.73 -24.54
CA GLY A 259 -14.51 -1.50 -23.50
C GLY A 259 -14.47 -2.48 -22.35
N ALA A 260 -15.58 -2.58 -21.64
CA ALA A 260 -15.72 -3.52 -20.54
C ALA A 260 -16.86 -4.48 -20.83
N VAL A 261 -17.16 -5.37 -19.90
CA VAL A 261 -18.22 -6.35 -20.10
C VAL A 261 -19.20 -6.40 -18.92
N PHE A 262 -20.48 -6.32 -19.22
CA PHE A 262 -21.53 -6.52 -18.23
C PHE A 262 -22.07 -7.94 -18.33
N VAL A 263 -21.99 -8.69 -17.24
CA VAL A 263 -22.44 -10.07 -17.22
C VAL A 263 -23.57 -10.27 -16.21
N GLU A 264 -24.63 -10.95 -16.64
CA GLU A 264 -25.75 -11.24 -15.75
C GLU A 264 -25.92 -12.75 -15.58
N LEU A 265 -26.02 -13.21 -14.33
CA LEU A 265 -26.11 -14.63 -14.04
C LEU A 265 -27.42 -14.99 -13.36
N LYS A 266 -27.98 -16.12 -13.76
CA LYS A 266 -29.18 -16.68 -13.14
C LYS A 266 -28.99 -18.18 -12.89
N ARG A 267 -29.61 -18.68 -11.84
CA ARG A 267 -29.42 -20.07 -11.41
C ARG A 267 -29.79 -21.09 -12.49
N GLY A 268 -30.96 -20.93 -13.08
CA GLY A 268 -31.47 -21.90 -14.04
C GLY A 268 -31.11 -21.59 -15.48
N GLU A 269 -31.00 -20.31 -15.80
CA GLU A 269 -30.74 -19.89 -17.17
C GLU A 269 -29.25 -19.73 -17.46
N PRO A 270 -28.87 -19.82 -18.75
CA PRO A 270 -27.47 -19.58 -19.15
C PRO A 270 -27.11 -18.10 -19.02
N PRO A 271 -25.81 -17.80 -18.88
CA PRO A 271 -25.35 -16.42 -18.70
C PRO A 271 -25.49 -15.57 -19.96
N ARG A 272 -25.97 -14.34 -19.79
CA ARG A 272 -26.03 -13.38 -20.87
C ARG A 272 -25.06 -12.23 -20.58
N TYR A 273 -24.54 -11.60 -21.62
CA TYR A 273 -23.61 -10.49 -21.43
C TYR A 273 -23.72 -9.44 -22.52
N GLU A 274 -23.42 -8.19 -22.16
CA GLU A 274 -23.39 -7.08 -23.11
C GLU A 274 -22.04 -6.38 -23.03
N ARG A 275 -21.54 -5.92 -24.17
CA ARG A 275 -20.29 -5.18 -24.20
C ARG A 275 -20.52 -3.70 -23.91
N ILE A 276 -19.76 -3.17 -22.95
CA ILE A 276 -19.82 -1.76 -22.63
C ILE A 276 -18.72 -1.02 -23.38
N ASP A 277 -19.09 -0.35 -24.46
CA ASP A 277 -18.13 0.35 -25.30
C ASP A 277 -17.58 1.59 -24.62
N ALA A 278 -16.26 1.69 -24.56
CA ALA A 278 -15.60 2.84 -23.94
C ALA A 278 -15.45 3.98 -24.94
N SER A 279 -15.60 3.64 -26.22
CA SER A 279 -15.47 4.60 -27.31
C SER A 279 -14.20 5.47 -27.23
N PRO A 280 -13.02 4.84 -27.28
CA PRO A 280 -11.78 5.61 -27.18
C PRO A 280 -11.43 6.21 -28.53
N LEU A 281 -10.35 6.97 -28.59
CA LEU A 281 -9.92 7.57 -29.85
C LEU A 281 -9.51 6.50 -30.85
N PRO A 282 -9.84 6.71 -32.13
CA PRO A 282 -9.51 5.75 -33.17
C PRO A 282 -8.06 5.84 -33.59
N LEU A 283 -7.54 4.79 -34.22
CA LEU A 283 -6.20 4.79 -34.77
C LEU A 283 -6.27 4.50 -36.26
N LYS A 284 -5.24 4.91 -36.99
CA LYS A 284 -5.21 4.64 -38.42
C LYS A 284 -3.78 4.58 -38.96
N THR A 285 -3.51 3.55 -39.75
CA THR A 285 -2.21 3.41 -40.39
C THR A 285 -2.32 3.73 -41.88
N LEU A 286 -1.43 4.57 -42.36
CA LEU A 286 -1.41 4.96 -43.77
C LEU A 286 -0.22 4.32 -44.48
N TYR A 287 -0.49 3.56 -45.54
CA TYR A 287 0.55 2.84 -46.25
C TYR A 287 0.90 3.48 -47.60
N TYR A 288 2.19 3.63 -47.85
CA TYR A 288 2.67 4.17 -49.12
C TYR A 288 3.97 3.48 -49.54
N LYS A 289 4.20 3.40 -50.84
CA LYS A 289 5.46 2.89 -51.36
C LYS A 289 6.54 3.91 -51.02
N LYS A 290 6.35 5.12 -51.51
CA LYS A 290 7.22 6.25 -51.19
C LYS A 290 6.36 7.48 -51.00
N ILE A 291 6.75 8.33 -50.05
CA ILE A 291 5.99 9.54 -49.78
C ILE A 291 6.25 10.59 -50.87
N ASP A 292 5.40 10.59 -51.89
CA ASP A 292 5.53 11.50 -53.01
C ASP A 292 4.46 12.59 -52.98
N THR A 293 4.21 13.19 -54.15
CA THR A 293 3.19 14.23 -54.28
C THR A 293 1.81 13.72 -53.89
N SER A 294 1.45 12.55 -54.42
CA SER A 294 0.16 11.95 -54.14
C SER A 294 0.03 11.56 -52.67
N ALA A 295 1.11 11.02 -52.11
CA ALA A 295 1.11 10.58 -50.72
C ALA A 295 0.94 11.75 -49.76
N LEU A 296 1.65 12.84 -50.02
CA LEU A 296 1.54 14.05 -49.19
C LEU A 296 0.11 14.58 -49.20
N LYS A 297 -0.52 14.59 -50.36
CA LYS A 297 -1.88 15.07 -50.49
C LYS A 297 -2.84 14.13 -49.77
N SER A 298 -2.52 12.84 -49.78
CA SER A 298 -3.35 11.84 -49.11
C SER A 298 -3.25 11.95 -47.59
N ILE A 299 -2.01 12.09 -47.09
CA ILE A 299 -1.77 12.19 -45.66
C ILE A 299 -2.42 13.44 -45.07
N ARG A 300 -2.20 14.58 -45.73
CA ARG A 300 -2.73 15.86 -45.27
C ARG A 300 -4.26 15.89 -45.27
N ASP A 301 -4.86 15.31 -46.30
CA ASP A 301 -6.32 15.27 -46.42
C ASP A 301 -6.95 14.41 -45.34
N PHE A 302 -6.35 13.27 -45.05
CA PHE A 302 -6.91 12.34 -44.08
C PHE A 302 -6.78 12.86 -42.64
N CYS A 303 -5.57 13.27 -42.28
CA CYS A 303 -5.29 13.73 -40.93
C CYS A 303 -6.06 15.00 -40.58
N ARG A 304 -6.52 15.70 -41.61
CA ARG A 304 -7.21 16.99 -41.46
C ARG A 304 -8.33 16.97 -40.42
N ASN A 305 -9.28 16.06 -40.57
CA ASN A 305 -10.40 15.98 -39.63
C ASN A 305 -10.53 14.62 -38.96
N PHE A 306 -9.42 13.90 -38.86
CA PHE A 306 -9.41 12.63 -38.15
C PHE A 306 -9.22 12.87 -36.66
N PRO A 307 -10.19 12.43 -35.84
CA PRO A 307 -10.20 12.72 -34.40
C PRO A 307 -9.22 11.87 -33.59
N GLY A 308 -8.55 10.92 -34.23
CA GLY A 308 -7.63 10.04 -33.52
C GLY A 308 -6.18 10.24 -33.90
N TYR A 309 -5.38 9.18 -33.73
CA TYR A 309 -3.96 9.25 -34.03
C TYR A 309 -3.61 8.47 -35.30
N VAL A 310 -2.66 8.99 -36.06
CA VAL A 310 -2.33 8.44 -37.37
C VAL A 310 -0.88 7.97 -37.47
N ARG A 311 -0.68 6.78 -38.04
CA ARG A 311 0.66 6.30 -38.34
C ARG A 311 0.86 6.21 -39.85
N VAL A 312 1.99 6.71 -40.32
CA VAL A 312 2.32 6.59 -41.73
C VAL A 312 3.45 5.59 -41.93
N VAL A 313 3.21 4.60 -42.78
CA VAL A 313 4.19 3.57 -43.08
C VAL A 313 4.60 3.63 -44.54
N TYR A 314 5.90 3.75 -44.79
CA TYR A 314 6.43 3.75 -46.15
C TYR A 314 7.66 2.86 -46.25
N GLU A 315 8.06 2.56 -47.48
CA GLU A 315 9.11 1.58 -47.72
C GLU A 315 10.48 2.21 -48.00
N GLU A 316 10.51 3.20 -48.88
CA GLU A 316 11.78 3.79 -49.31
C GLU A 316 11.78 5.31 -49.23
N ASP A 317 12.93 5.88 -48.85
CA ASP A 317 13.11 7.32 -48.84
C ASP A 317 13.21 7.85 -50.27
N SER A 318 12.76 9.09 -50.46
CA SER A 318 12.82 9.74 -51.77
C SER A 318 12.85 11.25 -51.61
N GLY A 319 14.03 11.79 -51.35
CA GLY A 319 14.18 13.21 -51.10
C GLY A 319 13.90 13.55 -49.65
N ILE A 320 14.17 14.79 -49.27
CA ILE A 320 13.98 15.22 -47.89
C ILE A 320 12.50 15.31 -47.55
N LEU A 321 12.12 14.65 -46.46
CA LEU A 321 10.74 14.64 -46.02
C LEU A 321 10.38 15.98 -45.37
N PRO A 322 9.24 16.56 -45.76
CA PRO A 322 8.76 17.81 -45.15
C PRO A 322 8.43 17.60 -43.68
N ASP A 323 8.40 18.69 -42.91
CA ASP A 323 8.07 18.62 -41.49
C ASP A 323 6.60 18.28 -41.30
N LEU A 324 6.24 17.03 -41.53
CA LEU A 324 4.85 16.58 -41.43
C LEU A 324 4.40 16.48 -39.98
N MET A 325 5.32 16.10 -39.10
CA MET A 325 4.99 15.90 -37.69
C MET A 325 4.72 17.24 -37.01
N GLY A 326 5.48 18.26 -37.40
CA GLY A 326 5.28 19.60 -36.88
C GLY A 326 4.06 20.26 -37.49
N GLU A 327 3.74 19.85 -38.72
CA GLU A 327 2.58 20.38 -39.44
C GLU A 327 1.29 19.69 -39.01
N ILE A 328 1.38 18.39 -38.77
CA ILE A 328 0.21 17.59 -38.42
C ILE A 328 0.30 17.03 -37.00
N ASP A 329 -0.52 17.58 -36.11
CA ASP A 329 -0.49 17.18 -34.70
C ASP A 329 -1.07 15.79 -34.50
N ASN A 330 -1.82 15.32 -35.50
CA ASN A 330 -2.41 13.99 -35.48
C ASN A 330 -1.38 12.91 -35.78
N LEU A 331 -0.36 13.28 -36.54
CA LEU A 331 0.66 12.33 -36.98
C LEU A 331 1.64 12.02 -35.87
N VAL A 332 1.55 10.81 -35.32
CA VAL A 332 2.38 10.44 -34.17
C VAL A 332 3.53 9.52 -34.54
N LYS A 333 3.53 9.02 -35.77
CA LYS A 333 4.51 8.02 -36.17
C LYS A 333 4.67 7.90 -37.68
N ILE A 334 5.87 8.19 -38.16
CA ILE A 334 6.23 7.94 -39.55
C ILE A 334 7.37 6.93 -39.54
N GLU A 335 7.33 6.03 -38.56
CA GLU A 335 8.34 4.98 -38.35
C GLU A 335 9.78 5.43 -38.60
N LEU B 15 -19.34 11.16 24.47
CA LEU B 15 -19.54 11.23 25.91
C LEU B 15 -18.63 12.29 26.54
N LYS B 16 -18.30 12.08 27.82
CA LYS B 16 -17.45 13.02 28.54
C LYS B 16 -16.17 12.36 29.02
N GLU B 17 -15.91 11.16 28.50
CA GLU B 17 -14.73 10.39 28.90
C GLU B 17 -14.04 9.78 27.69
N LEU B 18 -12.70 9.82 27.69
CA LEU B 18 -11.91 9.26 26.60
C LEU B 18 -10.69 8.51 27.12
N LYS B 19 -10.67 7.19 26.90
CA LYS B 19 -9.51 6.38 27.26
C LYS B 19 -8.59 6.19 26.06
N ILE B 20 -7.31 6.46 26.24
CA ILE B 20 -6.35 6.44 25.15
C ILE B 20 -5.16 5.55 25.46
N LEU B 21 -4.73 4.76 24.47
CA LEU B 21 -3.44 4.11 24.55
C LEU B 21 -2.52 4.76 23.52
N HIS B 22 -1.35 5.19 23.98
CA HIS B 22 -0.39 5.84 23.12
C HIS B 22 0.93 5.09 23.14
N THR B 23 1.31 4.55 21.99
CA THR B 23 2.59 3.89 21.85
C THR B 23 3.29 4.44 20.62
N SER B 24 4.61 4.36 20.59
CA SER B 24 5.38 4.97 19.52
C SER B 24 6.72 4.29 19.32
N ASP B 25 7.37 4.63 18.21
CA ASP B 25 8.76 4.25 17.96
C ASP B 25 9.04 2.76 18.12
N TRP B 26 8.24 1.94 17.45
CA TRP B 26 8.39 0.48 17.52
C TRP B 26 9.71 0.04 16.93
N HIS B 27 10.16 0.75 15.89
CA HIS B 27 11.38 0.42 15.17
C HIS B 27 11.42 -1.01 14.66
N LEU B 28 10.29 -1.47 14.12
CA LEU B 28 10.20 -2.81 13.54
C LEU B 28 11.25 -3.00 12.46
N GLY B 29 11.95 -4.13 12.51
CA GLY B 29 12.96 -4.46 11.52
C GLY B 29 14.38 -4.16 11.97
N VAL B 30 14.52 -3.66 13.19
CA VAL B 30 15.82 -3.24 13.69
C VAL B 30 16.75 -4.41 14.02
N THR B 31 18.00 -4.28 13.59
CA THR B 31 19.06 -5.19 14.03
C THR B 31 20.09 -4.35 14.76
N SER B 32 20.30 -4.67 16.03
CA SER B 32 21.17 -3.86 16.88
C SER B 32 22.62 -4.30 16.83
N TRP B 33 23.52 -3.33 17.04
CA TRP B 33 24.96 -3.59 17.12
C TRP B 33 25.51 -4.31 15.89
N THR B 34 25.12 -3.86 14.71
CA THR B 34 25.54 -4.50 13.46
C THR B 34 27.04 -4.44 13.24
N SER B 35 27.69 -3.46 13.86
CA SER B 35 29.13 -3.28 13.72
C SER B 35 29.90 -4.35 14.50
N SER B 36 29.43 -4.68 15.69
CA SER B 36 30.12 -5.62 16.56
C SER B 36 29.49 -7.02 16.53
N ARG B 37 28.25 -7.12 17.00
CA ARG B 37 27.52 -8.39 16.96
C ARG B 37 26.05 -8.16 16.62
N PRO B 38 25.67 -8.39 15.37
CA PRO B 38 24.29 -8.19 14.90
C PRO B 38 23.30 -9.04 15.68
N VAL B 39 22.27 -8.41 16.24
CA VAL B 39 21.24 -9.11 16.98
C VAL B 39 19.86 -8.67 16.51
N ASP B 40 19.16 -9.58 15.85
CA ASP B 40 17.80 -9.32 15.36
C ASP B 40 16.86 -9.19 16.55
N ARG B 41 16.25 -8.01 16.70
CA ARG B 41 15.39 -7.74 17.86
C ARG B 41 13.94 -8.13 17.62
N ARG B 42 13.66 -8.80 16.50
CA ARG B 42 12.30 -9.12 16.10
C ARG B 42 11.49 -9.88 17.15
N GLU B 43 12.06 -10.96 17.68
CA GLU B 43 11.37 -11.80 18.65
C GLU B 43 11.05 -11.03 19.94
N GLU B 44 12.05 -10.32 20.46
CA GLU B 44 11.85 -9.51 21.65
C GLU B 44 10.84 -8.40 21.40
N LEU B 45 10.95 -7.74 20.26
CA LEU B 45 10.05 -6.64 19.91
C LEU B 45 8.59 -7.10 19.80
N LYS B 46 8.36 -8.20 19.10
CA LYS B 46 7.02 -8.75 18.93
C LYS B 46 6.39 -9.12 20.28
N LYS B 47 7.19 -9.68 21.18
CA LYS B 47 6.69 -10.04 22.50
C LYS B 47 6.27 -8.81 23.30
N ALA B 48 7.09 -7.76 23.22
CA ALA B 48 6.78 -6.50 23.87
C ALA B 48 5.56 -5.85 23.19
N LEU B 49 5.49 -6.01 21.88
CA LEU B 49 4.40 -5.46 21.08
C LEU B 49 3.10 -6.16 21.43
N ASP B 50 3.20 -7.45 21.78
CA ASP B 50 2.03 -8.22 22.17
C ASP B 50 1.46 -7.76 23.50
N LYS B 51 2.34 -7.46 24.46
CA LYS B 51 1.91 -7.01 25.77
C LYS B 51 1.12 -5.70 25.70
N VAL B 52 1.56 -4.80 24.82
CA VAL B 52 0.88 -3.53 24.63
C VAL B 52 -0.52 -3.75 24.05
N VAL B 53 -0.63 -4.69 23.12
CA VAL B 53 -1.90 -5.03 22.52
C VAL B 53 -2.86 -5.65 23.54
N GLU B 54 -2.34 -6.54 24.37
CA GLU B 54 -3.14 -7.17 25.42
C GLU B 54 -3.69 -6.14 26.39
N GLU B 55 -2.85 -5.19 26.78
CA GLU B 55 -3.25 -4.14 27.72
C GLU B 55 -4.25 -3.16 27.09
N ALA B 56 -4.23 -3.08 25.77
CA ALA B 56 -5.19 -2.24 25.06
C ALA B 56 -6.58 -2.86 25.17
N GLU B 57 -6.63 -4.18 25.05
CA GLU B 57 -7.89 -4.91 25.14
C GLU B 57 -8.36 -5.00 26.59
N LYS B 58 -7.41 -5.17 27.51
CA LYS B 58 -7.72 -5.30 28.93
C LYS B 58 -8.31 -4.02 29.50
N ARG B 59 -7.69 -2.89 29.16
CA ARG B 59 -8.13 -1.60 29.65
C ARG B 59 -9.27 -1.04 28.79
N GLU B 60 -9.53 -1.71 27.67
CA GLU B 60 -10.61 -1.34 26.75
C GLU B 60 -10.55 0.11 26.30
N VAL B 61 -9.45 0.48 25.68
CA VAL B 61 -9.24 1.86 25.23
C VAL B 61 -10.24 2.27 24.16
N ASP B 62 -10.50 3.57 24.07
CA ASP B 62 -11.43 4.11 23.09
C ASP B 62 -10.71 4.56 21.83
N LEU B 63 -9.45 4.94 21.98
CA LEU B 63 -8.66 5.45 20.86
C LEU B 63 -7.21 5.04 21.01
N ILE B 64 -6.57 4.70 19.89
CA ILE B 64 -5.16 4.32 19.89
C ILE B 64 -4.34 5.28 19.05
N LEU B 65 -3.27 5.80 19.62
CA LEU B 65 -2.42 6.78 18.93
C LEU B 65 -1.06 6.19 18.62
N LEU B 66 -0.63 6.32 17.37
CA LEU B 66 0.66 5.81 16.94
C LEU B 66 1.51 6.93 16.37
N THR B 67 2.69 7.13 16.95
CA THR B 67 3.61 8.17 16.51
C THR B 67 5.02 7.62 16.41
N GLY B 68 5.95 8.45 15.95
CA GLY B 68 7.34 8.06 15.88
C GLY B 68 7.66 7.11 14.77
N ASP B 69 8.79 6.43 14.88
CA ASP B 69 9.27 5.52 13.84
C ASP B 69 8.78 4.10 14.10
N LEU B 70 7.61 3.77 13.56
CA LEU B 70 7.08 2.41 13.67
C LEU B 70 7.99 1.43 12.93
N LEU B 71 8.53 1.88 11.80
CA LEU B 71 9.52 1.11 11.07
C LEU B 71 10.91 1.70 11.29
N HIS B 72 11.88 0.83 11.54
CA HIS B 72 13.25 1.26 11.79
C HIS B 72 13.87 1.89 10.54
N SER B 73 13.78 1.17 9.42
CA SER B 73 14.32 1.67 8.16
C SER B 73 13.38 2.71 7.57
N ARG B 74 13.91 3.92 7.37
CA ARG B 74 13.12 5.02 6.86
C ARG B 74 12.70 4.81 5.40
N ASN B 75 13.63 4.39 4.56
CA ASN B 75 13.37 4.30 3.13
C ASN B 75 13.67 2.94 2.49
N ASN B 76 13.84 1.92 3.33
CA ASN B 76 14.05 0.56 2.81
C ASN B 76 13.66 -0.53 3.81
N PRO B 77 12.39 -0.57 4.21
CA PRO B 77 11.99 -1.60 5.18
C PRO B 77 11.86 -2.97 4.51
N SER B 78 12.27 -4.01 5.24
CA SER B 78 12.20 -5.36 4.70
C SER B 78 10.75 -5.83 4.60
N VAL B 79 10.54 -6.94 3.88
CA VAL B 79 9.22 -7.53 3.74
C VAL B 79 8.68 -7.94 5.10
N VAL B 80 9.54 -8.57 5.90
CA VAL B 80 9.16 -9.05 7.22
C VAL B 80 8.79 -7.89 8.14
N ALA B 81 9.55 -6.81 8.08
CA ALA B 81 9.27 -5.64 8.90
C ALA B 81 7.94 -5.01 8.51
N LEU B 82 7.72 -4.84 7.22
CA LEU B 82 6.46 -4.30 6.71
C LEU B 82 5.30 -5.21 7.10
N HIS B 83 5.50 -6.52 6.99
CA HIS B 83 4.48 -7.50 7.34
C HIS B 83 4.10 -7.40 8.82
N ASP B 84 5.10 -7.22 9.68
CA ASP B 84 4.85 -7.04 11.11
C ASP B 84 4.07 -5.75 11.38
N LEU B 85 4.39 -4.70 10.63
CA LEU B 85 3.72 -3.42 10.81
C LEU B 85 2.23 -3.53 10.51
N LEU B 86 1.90 -3.98 9.30
CA LEU B 86 0.53 -4.16 8.87
C LEU B 86 -0.23 -5.11 9.79
N ASP B 87 0.43 -6.16 10.23
CA ASP B 87 -0.16 -7.13 11.17
C ASP B 87 -0.57 -6.43 12.47
N TYR B 88 0.38 -5.78 13.12
CA TYR B 88 0.09 -5.13 14.40
C TYR B 88 -0.86 -3.94 14.25
N LEU B 89 -0.85 -3.29 13.10
CA LEU B 89 -1.85 -2.28 12.78
C LEU B 89 -3.24 -2.90 12.85
N LYS B 90 -3.39 -4.05 12.21
CA LYS B 90 -4.67 -4.77 12.20
C LYS B 90 -5.09 -5.21 13.60
N ARG B 91 -4.14 -5.68 14.39
CA ARG B 91 -4.45 -6.10 15.76
C ARG B 91 -4.93 -4.91 16.59
N MET B 92 -4.33 -3.75 16.33
CA MET B 92 -4.74 -2.52 17.00
C MET B 92 -6.16 -2.12 16.59
N MET B 93 -6.44 -2.25 15.29
CA MET B 93 -7.74 -1.85 14.76
C MET B 93 -8.90 -2.67 15.31
N ARG B 94 -8.65 -3.95 15.61
CA ARG B 94 -9.69 -4.82 16.14
C ARG B 94 -10.04 -4.49 17.59
N THR B 95 -9.19 -3.71 18.24
CA THR B 95 -9.40 -3.33 19.63
C THR B 95 -10.09 -1.98 19.75
N ALA B 96 -9.56 -1.00 19.03
CA ALA B 96 -10.11 0.35 19.03
C ALA B 96 -9.66 1.07 17.76
N PRO B 97 -10.40 2.12 17.35
CA PRO B 97 -10.00 2.93 16.20
C PRO B 97 -8.59 3.49 16.35
N VAL B 98 -7.83 3.50 15.26
CA VAL B 98 -6.42 3.86 15.30
C VAL B 98 -6.13 5.15 14.53
N VAL B 99 -5.39 6.05 15.16
CA VAL B 99 -4.91 7.25 14.49
C VAL B 99 -3.40 7.21 14.41
N VAL B 100 -2.87 7.28 13.19
CA VAL B 100 -1.43 7.17 12.97
C VAL B 100 -0.83 8.45 12.43
N LEU B 101 0.26 8.89 13.04
CA LEU B 101 1.04 9.99 12.53
C LEU B 101 2.39 9.44 12.06
N PRO B 102 2.50 9.15 10.76
CA PRO B 102 3.73 8.55 10.21
C PRO B 102 4.90 9.52 10.27
N GLY B 103 6.12 8.98 10.28
CA GLY B 103 7.32 9.79 10.22
C GLY B 103 7.56 10.28 8.81
N ASN B 104 8.77 10.75 8.54
CA ASN B 104 9.10 11.26 7.21
C ASN B 104 9.68 10.19 6.28
N HIS B 105 8.90 9.82 5.28
CA HIS B 105 9.35 8.87 4.25
C HIS B 105 9.35 9.57 2.90
N ASP B 106 10.37 9.31 2.09
CA ASP B 106 10.49 9.99 0.80
C ASP B 106 9.70 9.31 -0.32
N TRP B 107 9.26 8.07 -0.08
CA TRP B 107 8.38 7.40 -1.03
C TRP B 107 7.06 8.14 -1.10
N LYS B 108 6.85 8.86 -2.20
CA LYS B 108 5.69 9.74 -2.33
C LYS B 108 4.38 8.97 -2.50
N GLY B 109 4.49 7.66 -2.70
CA GLY B 109 3.32 6.82 -2.84
C GLY B 109 2.70 6.45 -1.50
N LEU B 110 3.45 6.65 -0.43
CA LEU B 110 2.99 6.32 0.91
C LEU B 110 1.76 7.13 1.32
N LYS B 111 1.75 8.41 0.94
CA LYS B 111 0.63 9.28 1.25
C LYS B 111 -0.63 8.83 0.51
N LEU B 112 -0.45 8.37 -0.72
CA LEU B 112 -1.56 7.84 -1.51
C LEU B 112 -2.16 6.62 -0.81
N PHE B 113 -1.29 5.74 -0.32
CA PHE B 113 -1.72 4.56 0.40
C PHE B 113 -2.45 4.92 1.70
N GLY B 114 -1.87 5.84 2.45
CA GLY B 114 -2.44 6.26 3.73
C GLY B 114 -3.82 6.86 3.56
N ASN B 115 -3.98 7.72 2.56
CA ASN B 115 -5.28 8.29 2.25
C ASN B 115 -6.28 7.22 1.82
N PHE B 116 -5.82 6.27 1.01
CA PHE B 116 -6.66 5.19 0.51
C PHE B 116 -7.17 4.31 1.64
N VAL B 117 -6.26 3.89 2.51
CA VAL B 117 -6.61 3.06 3.67
C VAL B 117 -7.56 3.80 4.60
N THR B 118 -7.29 5.09 4.80
CA THR B 118 -8.15 5.94 5.63
C THR B 118 -9.57 6.00 5.07
N SER B 119 -9.66 6.09 3.74
CA SER B 119 -10.94 6.22 3.06
C SER B 119 -11.81 4.97 3.16
N ILE B 120 -11.19 3.80 3.19
CA ILE B 120 -11.93 2.54 3.10
C ILE B 120 -12.17 1.86 4.44
N SER B 121 -11.63 2.42 5.51
CA SER B 121 -11.83 1.85 6.84
C SER B 121 -12.17 2.91 7.89
N SER B 122 -13.16 2.61 8.72
CA SER B 122 -13.58 3.54 9.76
C SER B 122 -12.90 3.22 11.09
N ASP B 123 -11.89 2.35 11.04
CA ASP B 123 -11.17 1.95 12.25
C ASP B 123 -9.72 2.44 12.23
N ILE B 124 -9.33 3.14 11.18
CA ILE B 124 -7.98 3.67 11.10
C ILE B 124 -7.90 4.98 10.31
N THR B 125 -7.06 5.89 10.78
CA THR B 125 -6.87 7.19 10.15
C THR B 125 -5.39 7.53 10.06
N PHE B 126 -4.95 7.92 8.87
CA PHE B 126 -3.57 8.36 8.67
C PHE B 126 -3.48 9.86 8.42
N VAL B 127 -3.00 10.59 9.42
CA VAL B 127 -2.79 12.02 9.27
C VAL B 127 -1.39 12.30 8.71
N MET B 128 -1.34 12.71 7.45
CA MET B 128 -0.06 12.93 6.78
C MET B 128 0.06 14.35 6.23
N SER B 129 -0.68 15.26 6.84
CA SER B 129 -0.61 16.68 6.51
C SER B 129 -0.77 17.50 7.78
N PHE B 130 -0.81 18.82 7.64
CA PHE B 130 -1.03 19.69 8.78
C PHE B 130 -2.51 19.94 9.00
N GLU B 131 -3.33 19.48 8.05
CA GLU B 131 -4.77 19.65 8.11
C GLU B 131 -5.37 18.80 9.21
N PRO B 132 -6.24 19.40 10.05
CA PRO B 132 -6.89 18.69 11.14
C PRO B 132 -7.92 17.68 10.64
N VAL B 133 -8.13 16.62 11.40
CA VAL B 133 -9.08 15.58 11.03
C VAL B 133 -9.97 15.22 12.21
N ASP B 134 -11.28 15.18 11.96
CA ASP B 134 -12.24 14.80 13.00
C ASP B 134 -12.54 13.31 12.93
N VAL B 135 -12.01 12.57 13.90
CA VAL B 135 -12.26 11.12 13.95
C VAL B 135 -13.25 10.80 15.07
N GLU B 136 -13.73 9.56 15.07
CA GLU B 136 -14.69 9.11 16.07
C GLU B 136 -14.11 7.97 16.89
N ALA B 137 -14.12 8.13 18.21
CA ALA B 137 -13.57 7.13 19.11
C ALA B 137 -14.49 5.91 19.22
N LYS B 138 -14.06 4.91 19.98
CA LYS B 138 -14.78 3.64 20.08
C LYS B 138 -16.19 3.78 20.66
N ARG B 139 -16.33 4.64 21.66
CA ARG B 139 -17.63 4.86 22.29
C ARG B 139 -18.34 6.11 21.75
N GLY B 140 -17.93 6.53 20.56
CA GLY B 140 -18.61 7.61 19.87
C GLY B 140 -18.10 9.01 20.17
N GLN B 141 -17.03 9.11 20.95
CA GLN B 141 -16.47 10.41 21.28
C GLN B 141 -15.87 11.07 20.04
N LYS B 142 -16.21 12.34 19.82
CA LYS B 142 -15.65 13.09 18.70
C LYS B 142 -14.27 13.64 19.09
N VAL B 143 -13.27 13.32 18.28
CA VAL B 143 -11.90 13.74 18.57
C VAL B 143 -11.31 14.51 17.40
N ARG B 144 -10.85 15.71 17.67
CA ARG B 144 -10.20 16.52 16.63
C ARG B 144 -8.69 16.38 16.71
N ILE B 145 -8.10 15.81 15.66
CA ILE B 145 -6.67 15.59 15.60
C ILE B 145 -5.95 16.82 15.04
N LEU B 146 -4.94 17.28 15.76
CA LEU B 146 -4.13 18.40 15.32
C LEU B 146 -2.73 17.91 14.99
N PRO B 147 -2.49 17.53 13.73
CA PRO B 147 -1.24 16.89 13.33
C PRO B 147 -0.13 17.90 13.02
N PHE B 148 1.08 17.56 13.44
CA PHE B 148 2.26 18.34 13.08
C PHE B 148 3.38 17.39 12.68
N PRO B 149 3.29 16.83 11.47
CA PRO B 149 4.32 15.90 10.99
C PRO B 149 5.59 16.63 10.61
N TYR B 150 6.62 15.87 10.23
CA TYR B 150 7.85 16.47 9.74
C TYR B 150 7.54 17.28 8.49
N PRO B 151 7.92 18.57 8.48
CA PRO B 151 7.60 19.48 7.39
C PRO B 151 8.17 19.04 6.04
N ASP B 152 7.34 19.03 5.00
CA ASP B 152 7.81 18.78 3.64
C ASP B 152 8.58 19.99 3.12
N GLU B 153 8.89 19.99 1.84
CA GLU B 153 9.63 21.10 1.26
C GLU B 153 9.02 21.61 -0.06
N SER B 154 8.21 22.69 -0.04
CA SER B 154 7.73 23.45 1.13
C SER B 154 8.76 24.08 2.10
N GLU B 155 8.88 23.49 3.29
CA GLU B 155 9.63 24.10 4.38
C GLU B 155 11.15 24.09 4.21
N ALA B 156 11.74 22.94 3.91
CA ALA B 156 13.19 22.87 3.73
C ALA B 156 13.64 23.65 2.49
N LEU B 157 12.72 23.98 1.59
CA LEU B 157 13.04 24.80 0.43
C LEU B 157 13.07 26.28 0.79
N ARG B 158 12.10 26.71 1.60
CA ARG B 158 12.02 28.11 2.02
C ARG B 158 12.62 28.33 3.40
N LYS B 159 13.62 27.54 3.75
CA LYS B 159 14.24 27.62 5.08
C LYS B 159 15.41 28.59 5.11
N ASN B 160 15.31 29.60 5.97
CA ASN B 160 16.35 30.61 6.10
C ASN B 160 16.68 30.79 7.57
N GLU B 161 16.25 29.80 8.37
CA GLU B 161 16.35 29.81 9.83
C GLU B 161 15.42 30.83 10.48
N GLY B 162 15.28 32.00 9.86
CA GLY B 162 14.42 33.05 10.39
C GLY B 162 12.95 32.87 10.09
N ASP B 163 12.62 32.77 8.80
CA ASP B 163 11.24 32.57 8.39
C ASP B 163 10.80 31.12 8.60
N PHE B 164 11.79 30.22 8.67
CA PHE B 164 11.48 28.81 8.91
C PHE B 164 10.86 28.65 10.28
N ARG B 165 11.46 29.30 11.27
CA ARG B 165 10.90 29.34 12.62
C ARG B 165 9.54 30.01 12.59
N PHE B 166 9.42 31.07 11.79
CA PHE B 166 8.15 31.78 11.64
C PHE B 166 7.13 30.92 10.92
N PHE B 167 7.61 30.11 9.97
CA PHE B 167 6.74 29.18 9.25
C PHE B 167 6.14 28.16 10.20
N LEU B 168 6.97 27.62 11.09
CA LEU B 168 6.53 26.62 12.06
C LEU B 168 5.52 27.21 13.04
N GLU B 169 5.79 28.43 13.49
CA GLU B 169 4.91 29.11 14.43
C GLU B 169 3.55 29.39 13.80
N SER B 170 3.56 29.75 12.52
CA SER B 170 2.32 30.03 11.79
C SER B 170 1.41 28.81 11.78
N ARG B 171 1.98 27.65 11.44
CA ARG B 171 1.21 26.41 11.41
C ARG B 171 0.76 26.00 12.81
N LEU B 172 1.64 26.20 13.79
CA LEU B 172 1.29 25.92 15.17
C LEU B 172 0.17 26.83 15.67
N ASN B 173 0.16 28.08 15.21
CA ASN B 173 -0.90 29.02 15.53
C ASN B 173 -2.20 28.64 14.82
N LYS B 174 -2.05 28.10 13.60
CA LYS B 174 -3.20 27.66 12.82
C LYS B 174 -3.88 26.48 13.50
N LEU B 175 -3.08 25.56 14.02
CA LEU B 175 -3.61 24.41 14.74
C LEU B 175 -4.32 24.84 16.02
N TYR B 176 -3.79 25.87 16.66
CA TYR B 176 -4.41 26.44 17.86
C TYR B 176 -5.82 26.96 17.54
N GLU B 177 -5.94 27.66 16.42
CA GLU B 177 -7.22 28.20 15.98
C GLU B 177 -8.20 27.08 15.60
N GLU B 178 -7.68 26.03 14.99
CA GLU B 178 -8.50 24.88 14.60
C GLU B 178 -8.89 24.05 15.81
N ALA B 179 -8.04 24.06 16.83
CA ALA B 179 -8.30 23.31 18.05
C ALA B 179 -9.47 23.91 18.84
N LEU B 180 -9.68 25.22 18.65
CA LEU B 180 -10.77 25.92 19.31
C LEU B 180 -12.12 25.48 18.76
N LYS B 181 -12.09 24.86 17.58
CA LYS B 181 -13.31 24.42 16.91
C LYS B 181 -13.73 23.02 17.35
N LYS B 182 -13.07 22.49 18.38
CA LYS B 182 -13.31 21.12 18.82
C LYS B 182 -14.72 20.91 19.34
N GLU B 183 -15.17 19.65 19.35
CA GLU B 183 -16.49 19.30 19.84
C GLU B 183 -16.40 18.67 21.22
N ASP B 184 -15.84 17.47 21.28
CA ASP B 184 -15.65 16.78 22.56
C ASP B 184 -14.21 16.88 23.03
N PHE B 185 -13.30 16.28 22.27
CA PHE B 185 -11.89 16.28 22.64
C PHE B 185 -11.01 16.79 21.49
N ALA B 186 -9.80 17.23 21.83
CA ALA B 186 -8.84 17.67 20.84
C ALA B 186 -7.45 17.14 21.18
N ILE B 187 -6.85 16.42 20.25
CA ILE B 187 -5.55 15.79 20.48
C ILE B 187 -4.50 16.30 19.50
N PHE B 188 -3.35 16.70 20.03
CA PHE B 188 -2.24 17.16 19.21
C PHE B 188 -1.27 16.00 18.96
N MET B 189 -0.84 15.85 17.71
CA MET B 189 0.13 14.83 17.36
C MET B 189 1.28 15.47 16.60
N GLY B 190 2.50 15.32 17.13
CA GLY B 190 3.66 15.93 16.52
C GLY B 190 4.85 15.00 16.43
N HIS B 191 5.64 15.17 15.37
CA HIS B 191 6.83 14.36 15.16
C HIS B 191 8.07 15.25 15.08
N PHE B 192 8.54 15.69 16.24
CA PHE B 192 9.69 16.58 16.31
C PHE B 192 10.38 16.46 17.68
N THR B 193 11.48 17.18 17.84
CA THR B 193 12.20 17.20 19.10
C THR B 193 11.95 18.50 19.86
N VAL B 194 11.49 18.37 21.10
CA VAL B 194 11.22 19.53 21.94
C VAL B 194 12.53 20.24 22.33
N GLU B 195 12.53 21.57 22.23
CA GLU B 195 13.69 22.36 22.61
C GLU B 195 13.97 22.22 24.11
N GLY B 196 15.21 21.88 24.44
CA GLY B 196 15.61 21.79 25.84
C GLY B 196 15.85 20.37 26.29
N LEU B 197 16.31 19.53 25.37
CA LEU B 197 16.62 18.14 25.70
C LEU B 197 18.12 17.88 25.57
N ALA B 198 18.78 17.69 26.70
CA ALA B 198 20.23 17.44 26.71
C ALA B 198 20.52 15.95 26.89
N GLY B 199 19.51 15.20 27.32
CA GLY B 199 19.66 13.77 27.50
C GLY B 199 18.80 12.98 26.54
N TYR B 200 19.42 12.43 25.51
CA TYR B 200 18.73 11.70 24.44
C TYR B 200 17.55 12.46 23.85
N ALA B 201 17.75 13.48 23.01
CA ALA B 201 19.05 14.04 22.56
C ALA B 201 20.09 13.11 21.91
N GLY B 202 19.62 12.20 21.06
CA GLY B 202 20.50 11.49 20.16
C GLY B 202 20.68 12.38 18.96
N ILE B 203 21.79 13.11 18.92
CA ILE B 203 21.88 14.31 18.09
C ILE B 203 23.27 14.63 17.54
N GLU B 204 23.37 15.20 16.34
CA GLU B 204 22.21 15.41 15.45
C GLU B 204 22.50 15.17 13.94
N GLN B 205 23.33 15.96 13.24
CA GLN B 205 23.97 17.18 13.73
C GLN B 205 23.97 18.36 12.74
N GLY B 206 22.82 18.77 12.19
CA GLY B 206 21.53 18.12 12.37
C GLY B 206 20.58 18.84 13.33
N ARG B 207 19.36 18.32 13.46
CA ARG B 207 18.88 17.17 12.68
C ARG B 207 17.41 17.36 12.34
N GLU B 208 16.55 16.93 13.26
CA GLU B 208 15.11 17.11 13.08
C GLU B 208 14.69 18.48 13.57
N ILE B 209 13.41 18.79 13.44
CA ILE B 209 12.90 20.11 13.76
C ILE B 209 12.80 20.35 15.26
N ILE B 210 13.31 21.48 15.71
CA ILE B 210 13.28 21.85 17.11
C ILE B 210 12.13 22.81 17.42
N ILE B 211 11.21 22.37 18.27
CA ILE B 211 10.04 23.16 18.62
C ILE B 211 9.96 23.38 20.13
N ASN B 212 9.65 24.60 20.53
CA ASN B 212 9.54 24.92 21.96
C ASN B 212 8.21 24.45 22.55
N ARG B 213 8.25 24.12 23.84
CA ARG B 213 7.09 23.61 24.56
C ARG B 213 5.87 24.52 24.49
N ALA B 214 6.10 25.82 24.69
CA ALA B 214 5.01 26.80 24.77
C ALA B 214 4.29 26.99 23.43
N LEU B 215 4.93 26.57 22.35
CA LEU B 215 4.35 26.71 21.02
C LEU B 215 3.29 25.63 20.75
N ILE B 216 3.21 24.65 21.64
CA ILE B 216 2.19 23.62 21.53
C ILE B 216 0.86 24.16 22.05
N PRO B 217 -0.20 24.06 21.21
CA PRO B 217 -1.55 24.55 21.53
C PRO B 217 -2.03 24.09 22.90
N SER B 218 -2.14 25.03 23.83
CA SER B 218 -2.50 24.73 25.21
C SER B 218 -3.96 24.30 25.34
N VAL B 219 -4.76 24.59 24.32
CA VAL B 219 -6.18 24.29 24.36
C VAL B 219 -6.51 22.82 24.04
N VAL B 220 -5.50 22.05 23.66
CA VAL B 220 -5.71 20.63 23.41
C VAL B 220 -5.76 19.85 24.71
N ASP B 221 -6.40 18.68 24.69
CA ASP B 221 -6.53 17.86 25.89
C ASP B 221 -5.30 16.98 26.09
N TYR B 222 -4.56 16.74 25.01
CA TYR B 222 -3.38 15.88 25.07
C TYR B 222 -2.51 16.05 23.83
N ALA B 223 -1.19 16.08 24.05
CA ALA B 223 -0.24 16.20 22.96
C ALA B 223 0.56 14.90 22.81
N ALA B 224 0.33 14.19 21.71
CA ALA B 224 0.98 12.92 21.45
C ALA B 224 2.25 13.11 20.62
N LEU B 225 3.40 12.91 21.25
CA LEU B 225 4.67 13.09 20.55
C LEU B 225 5.38 11.76 20.29
N GLY B 226 6.32 11.78 19.35
CA GLY B 226 7.11 10.61 19.03
C GLY B 226 8.51 11.00 18.61
N HIS B 227 9.25 10.05 18.02
CA HIS B 227 10.60 10.24 17.50
C HIS B 227 11.70 10.10 18.55
N ILE B 228 11.32 10.01 19.82
CA ILE B 228 12.28 9.87 20.90
C ILE B 228 12.27 8.47 21.52
N HIS B 229 13.45 7.88 21.69
CA HIS B 229 13.57 6.52 22.21
C HIS B 229 13.15 6.38 23.67
N SER B 230 13.40 7.42 24.45
CA SER B 230 13.14 7.34 25.90
C SER B 230 11.86 8.07 26.30
N PHE B 231 11.16 7.51 27.27
CA PHE B 231 9.95 8.12 27.81
C PHE B 231 10.25 9.48 28.44
N ARG B 232 9.46 10.48 28.07
CA ARG B 232 9.62 11.82 28.61
C ARG B 232 8.26 12.49 28.83
N GLU B 233 8.00 12.90 30.06
CA GLU B 233 6.84 13.76 30.33
C GLU B 233 7.28 15.20 30.17
N ILE B 234 6.97 15.79 29.01
CA ILE B 234 7.39 17.15 28.70
C ILE B 234 6.74 18.18 29.62
N GLN B 235 5.41 18.15 29.71
CA GLN B 235 4.68 19.09 30.56
C GLN B 235 3.31 18.55 30.95
N LYS B 236 2.67 19.25 31.88
CA LYS B 236 1.37 18.80 32.42
C LYS B 236 0.20 19.51 31.76
N GLN B 237 0.41 20.75 31.33
CA GLN B 237 -0.67 21.55 30.77
C GLN B 237 -0.21 22.29 29.52
N PRO B 238 -0.52 21.74 28.34
CA PRO B 238 -1.26 20.47 28.17
C PRO B 238 -0.34 19.28 28.35
N LEU B 239 -0.89 18.15 28.79
CA LEU B 239 -0.11 16.94 29.00
C LEU B 239 0.61 16.51 27.72
N THR B 240 1.94 16.60 27.74
CA THR B 240 2.77 16.33 26.57
C THR B 240 3.75 15.20 26.87
N ILE B 241 3.64 14.11 26.13
CA ILE B 241 4.38 12.88 26.45
C ILE B 241 5.04 12.20 25.25
N TYR B 242 6.33 11.87 25.39
CA TYR B 242 6.96 10.89 24.52
C TYR B 242 6.89 9.55 25.22
N PRO B 243 6.18 8.58 24.62
CA PRO B 243 6.07 7.25 25.24
C PRO B 243 7.39 6.49 25.23
N GLY B 244 8.20 6.70 24.19
CA GLY B 244 9.45 6.00 24.04
C GLY B 244 9.28 4.70 23.28
N SER B 245 10.37 4.01 23.03
CA SER B 245 10.34 2.74 22.32
C SER B 245 9.87 1.61 23.22
N LEU B 246 9.63 0.44 22.64
CA LEU B 246 9.16 -0.70 23.41
C LEU B 246 10.30 -1.62 23.80
N ILE B 247 11.46 -1.43 23.18
CA ILE B 247 12.65 -2.18 23.54
C ILE B 247 13.82 -1.24 23.75
N ARG B 248 14.86 -1.74 24.40
CA ARG B 248 16.07 -0.95 24.61
C ARG B 248 16.98 -1.12 23.40
N ILE B 249 16.88 -0.18 22.47
CA ILE B 249 17.58 -0.25 21.20
C ILE B 249 19.10 -0.25 21.37
N ASP B 250 19.61 0.60 22.23
CA ASP B 250 21.04 0.64 22.52
C ASP B 250 21.31 0.97 23.99
N PHE B 251 22.58 0.89 24.39
CA PHE B 251 22.93 0.99 25.81
C PHE B 251 22.72 2.35 26.45
N GLY B 252 22.40 3.35 25.63
CA GLY B 252 22.01 4.65 26.15
C GLY B 252 20.66 4.58 26.85
N GLU B 253 19.92 3.51 26.57
CA GLU B 253 18.59 3.31 27.13
C GLU B 253 18.60 2.22 28.20
N GLU B 254 19.79 1.89 28.68
CA GLU B 254 20.00 0.83 29.66
C GLU B 254 19.19 1.04 30.95
N ALA B 255 19.12 2.28 31.41
CA ALA B 255 18.41 2.58 32.65
C ALA B 255 16.94 2.88 32.43
N ASP B 256 16.55 3.00 31.17
CA ASP B 256 15.17 3.34 30.83
C ASP B 256 14.21 2.19 31.09
N GLU B 257 12.96 2.54 31.40
CA GLU B 257 11.88 1.57 31.45
C GLU B 257 11.06 1.72 30.17
N LYS B 258 10.83 0.62 29.49
CA LYS B 258 10.18 0.65 28.18
C LYS B 258 8.72 0.25 28.22
N GLY B 259 7.90 0.92 27.42
CA GLY B 259 6.49 0.58 27.32
C GLY B 259 5.66 1.61 26.57
N ALA B 260 4.36 1.61 26.84
CA ALA B 260 3.44 2.54 26.23
C ALA B 260 2.76 3.40 27.30
N VAL B 261 1.85 4.26 26.87
CA VAL B 261 1.18 5.17 27.79
C VAL B 261 -0.34 5.05 27.72
N PHE B 262 -0.97 4.91 28.87
CA PHE B 262 -2.42 4.90 28.96
C PHE B 262 -2.91 6.25 29.47
N VAL B 263 -3.65 6.97 28.64
CA VAL B 263 -4.14 8.29 29.00
C VAL B 263 -5.65 8.32 29.09
N GLU B 264 -6.18 8.87 30.19
CA GLU B 264 -7.62 9.00 30.36
C GLU B 264 -8.02 10.47 30.48
N LEU B 265 -9.08 10.84 29.78
CA LEU B 265 -9.52 12.23 29.74
C LEU B 265 -10.97 12.39 30.19
N LYS B 266 -11.22 13.41 30.99
CA LYS B 266 -12.58 13.80 31.34
C LYS B 266 -12.83 15.25 30.95
N ARG B 267 -14.07 15.58 30.63
CA ARG B 267 -14.40 16.88 30.04
C ARG B 267 -14.08 18.07 30.95
N GLY B 268 -14.09 17.84 32.26
CA GLY B 268 -13.82 18.90 33.21
C GLY B 268 -12.61 18.62 34.09
N GLU B 269 -12.41 17.36 34.44
CA GLU B 269 -11.31 16.96 35.31
C GLU B 269 -9.97 17.04 34.58
N PRO B 270 -8.87 17.20 35.35
CA PRO B 270 -7.53 17.17 34.75
C PRO B 270 -7.18 15.76 34.26
N PRO B 271 -6.36 15.68 33.19
CA PRO B 271 -5.99 14.38 32.60
C PRO B 271 -5.00 13.61 33.47
N ARG B 272 -5.16 12.29 33.51
CA ARG B 272 -4.22 11.43 34.23
C ARG B 272 -3.66 10.38 33.27
N TYR B 273 -2.49 9.86 33.59
CA TYR B 273 -1.88 8.84 32.74
C TYR B 273 -1.07 7.82 33.53
N GLU B 274 -0.89 6.64 32.94
CA GLU B 274 -0.10 5.58 33.53
C GLU B 274 0.85 4.98 32.49
N ARG B 275 2.00 4.51 32.93
CA ARG B 275 2.92 3.82 32.04
C ARG B 275 2.63 2.33 31.98
N ILE B 276 2.56 1.79 30.78
CA ILE B 276 2.31 0.36 30.59
C ILE B 276 3.62 -0.34 30.26
N ASP B 277 4.19 -1.00 31.26
CA ASP B 277 5.49 -1.66 31.11
C ASP B 277 5.44 -2.83 30.15
N ALA B 278 6.34 -2.82 29.16
CA ALA B 278 6.42 -3.90 28.19
C ALA B 278 7.45 -4.93 28.63
N SER B 279 8.30 -4.52 29.58
CA SER B 279 9.34 -5.38 30.15
C SER B 279 10.18 -6.11 29.11
N PRO B 280 10.92 -5.37 28.27
CA PRO B 280 11.78 -6.03 27.29
C PRO B 280 13.04 -6.55 27.98
N LEU B 281 13.95 -7.12 27.19
CA LEU B 281 15.20 -7.63 27.74
C LEU B 281 16.03 -6.52 28.37
N PRO B 282 16.75 -6.83 29.45
CA PRO B 282 17.59 -5.84 30.12
C PRO B 282 18.93 -5.67 29.42
N LEU B 283 19.53 -4.49 29.57
CA LEU B 283 20.87 -4.25 29.08
C LEU B 283 21.80 -4.01 30.26
N LYS B 284 23.07 -4.33 30.10
CA LYS B 284 24.03 -4.11 31.17
C LYS B 284 25.40 -3.71 30.63
N THR B 285 25.95 -2.63 31.17
CA THR B 285 27.30 -2.22 30.84
C THR B 285 28.23 -2.48 32.02
N LEU B 286 29.32 -3.19 31.76
CA LEU B 286 30.31 -3.48 32.79
C LEU B 286 31.54 -2.60 32.61
N TYR B 287 31.94 -1.91 33.67
CA TYR B 287 33.07 -0.99 33.60
C TYR B 287 34.32 -1.56 34.28
N TYR B 288 35.42 -1.58 33.56
CA TYR B 288 36.70 -2.05 34.11
C TYR B 288 37.79 -1.03 33.85
N LYS B 289 38.77 -0.98 34.75
CA LYS B 289 39.95 -0.13 34.54
C LYS B 289 40.80 -0.74 33.44
N LYS B 290 40.98 -2.05 33.49
CA LYS B 290 41.72 -2.78 32.47
C LYS B 290 41.21 -4.22 32.41
N ILE B 291 41.48 -4.89 31.30
CA ILE B 291 41.07 -6.29 31.15
C ILE B 291 42.20 -7.24 31.52
N ASP B 292 42.10 -7.84 32.71
CA ASP B 292 43.08 -8.83 33.15
C ASP B 292 42.39 -10.15 33.44
N THR B 293 43.13 -11.07 34.05
CA THR B 293 42.63 -12.42 34.33
C THR B 293 41.37 -12.40 35.18
N SER B 294 41.39 -11.61 36.25
CA SER B 294 40.26 -11.49 37.16
C SER B 294 39.03 -10.90 36.47
N ALA B 295 39.26 -9.89 35.64
CA ALA B 295 38.17 -9.25 34.92
C ALA B 295 37.62 -10.18 33.84
N LEU B 296 38.51 -10.92 33.20
CA LEU B 296 38.13 -11.84 32.14
C LEU B 296 37.17 -12.90 32.66
N LYS B 297 37.44 -13.40 33.85
CA LYS B 297 36.55 -14.39 34.49
C LYS B 297 35.27 -13.72 34.96
N SER B 298 35.42 -12.48 35.44
CA SER B 298 34.27 -11.70 35.91
C SER B 298 33.27 -11.44 34.80
N ILE B 299 33.78 -11.19 33.60
CA ILE B 299 32.93 -10.95 32.44
C ILE B 299 32.21 -12.23 32.01
N ARG B 300 32.96 -13.33 31.92
CA ARG B 300 32.40 -14.61 31.51
C ARG B 300 31.34 -15.10 32.50
N ASP B 301 31.57 -14.86 33.78
CA ASP B 301 30.64 -15.31 34.82
C ASP B 301 29.33 -14.54 34.79
N PHE B 302 29.41 -13.22 34.62
CA PHE B 302 28.23 -12.38 34.61
C PHE B 302 27.35 -12.63 33.38
N CYS B 303 27.99 -12.81 32.23
CA CYS B 303 27.26 -12.99 30.98
C CYS B 303 26.45 -14.29 30.94
N ARG B 304 27.00 -15.35 31.52
CA ARG B 304 26.31 -16.64 31.56
C ARG B 304 25.04 -16.59 32.43
N ASN B 305 25.02 -15.67 33.39
CA ASN B 305 23.89 -15.56 34.31
C ASN B 305 22.97 -14.37 33.98
N PHE B 306 23.28 -13.66 32.89
CA PHE B 306 22.49 -12.51 32.51
C PHE B 306 21.60 -12.81 31.30
N PRO B 307 20.28 -12.66 31.47
CA PRO B 307 19.29 -12.97 30.43
C PRO B 307 19.15 -11.86 29.38
N GLY B 308 20.02 -10.87 29.43
CA GLY B 308 19.96 -9.77 28.47
C GLY B 308 21.24 -9.62 27.68
N TYR B 309 21.50 -8.42 27.20
CA TYR B 309 22.71 -8.16 26.41
C TYR B 309 23.70 -7.30 27.19
N VAL B 310 24.99 -7.58 27.02
CA VAL B 310 26.03 -6.97 27.84
C VAL B 310 27.03 -6.16 27.02
N ARG B 311 27.37 -4.97 27.53
CA ARG B 311 28.44 -4.16 26.96
C ARG B 311 29.59 -4.08 27.95
N VAL B 312 30.82 -4.13 27.43
CA VAL B 312 31.99 -4.01 28.28
C VAL B 312 32.87 -2.86 27.81
N VAL B 313 33.06 -1.87 28.67
CA VAL B 313 33.98 -0.78 28.37
C VAL B 313 35.13 -0.77 29.38
N TYR B 314 36.33 -0.53 28.88
CA TYR B 314 37.51 -0.48 29.73
C TYR B 314 38.44 0.65 29.32
N GLU B 315 39.19 1.16 30.28
CA GLU B 315 40.02 2.35 30.05
C GLU B 315 41.39 2.01 29.48
N GLU B 316 42.19 1.27 30.26
CA GLU B 316 43.57 1.00 29.88
C GLU B 316 43.70 -0.14 28.88
N ASP B 317 44.59 0.04 27.90
CA ASP B 317 44.86 -0.99 26.91
C ASP B 317 45.37 -2.26 27.59
N SER B 318 44.78 -3.39 27.23
CA SER B 318 45.11 -4.67 27.85
C SER B 318 45.77 -5.62 26.86
N GLY B 319 46.52 -5.06 25.92
CA GLY B 319 47.23 -5.85 24.93
C GLY B 319 46.29 -6.64 24.03
N ILE B 320 46.65 -7.88 23.76
CA ILE B 320 45.84 -8.75 22.91
C ILE B 320 44.66 -9.31 23.69
N LEU B 321 43.46 -9.15 23.15
CA LEU B 321 42.24 -9.61 23.80
C LEU B 321 41.72 -10.89 23.16
N PRO B 322 41.43 -11.90 23.99
CA PRO B 322 40.81 -13.16 23.54
C PRO B 322 39.48 -12.89 22.85
N ASP B 323 39.10 -13.74 21.92
CA ASP B 323 37.85 -13.56 21.17
C ASP B 323 36.64 -13.66 22.10
N LEU B 324 36.30 -12.55 22.73
CA LEU B 324 35.17 -12.52 23.66
C LEU B 324 33.84 -12.38 22.93
N MET B 325 33.82 -11.60 21.86
CA MET B 325 32.61 -11.44 21.05
C MET B 325 32.43 -12.60 20.08
N GLY B 326 33.19 -13.67 20.30
CA GLY B 326 33.05 -14.89 19.52
C GLY B 326 32.87 -16.08 20.42
N GLU B 327 33.10 -15.86 21.71
CA GLU B 327 32.95 -16.92 22.71
C GLU B 327 31.79 -16.61 23.66
N ILE B 328 31.36 -15.35 23.66
CA ILE B 328 30.22 -14.95 24.49
C ILE B 328 29.08 -14.43 23.62
N ASP B 329 28.02 -15.23 23.50
CA ASP B 329 26.89 -14.86 22.68
C ASP B 329 26.12 -13.69 23.30
N ASN B 330 26.36 -13.45 24.58
CA ASN B 330 25.69 -12.40 25.32
C ASN B 330 26.39 -11.06 25.23
N LEU B 331 27.70 -11.09 24.99
CA LEU B 331 28.49 -9.87 24.86
C LEU B 331 28.36 -9.30 23.46
N VAL B 332 27.66 -8.17 23.35
CA VAL B 332 27.36 -7.60 22.04
C VAL B 332 28.27 -6.43 21.65
N LYS B 333 28.94 -5.83 22.64
CA LYS B 333 29.77 -4.66 22.35
C LYS B 333 30.93 -4.48 23.31
N ILE B 334 32.10 -4.15 22.76
CA ILE B 334 33.29 -3.85 23.55
C ILE B 334 33.84 -2.48 23.14
N GLU B 335 33.86 -1.55 24.08
CA GLU B 335 34.36 -0.20 23.81
C GLU B 335 35.65 0.09 24.55
#